data_2IHX
#
_entry.id   2IHX
#
loop_
_entity.id
_entity.type
_entity.pdbx_description
1 polymer 'uPsi RNA'
2 polymer 'Nucleocapsid (NC) Protein'
3 non-polymer 'ZINC ION'
#
loop_
_entity_poly.entity_id
_entity_poly.type
_entity_poly.pdbx_seq_one_letter_code
_entity_poly.pdbx_strand_id
1 'polyribonucleotide' CUGCCCUCAUCCGUCUCGCUUAUUCGGGGAGCGGACGAUGACCCUAGUAGAGGGGGCUGCGGCUUAGGAGGGCAG B
2 'polypeptide(L)' GRARGLCYTCGSPGHYQAQCPKKRKSGNSRERCQLCNGMGHNAKQCRKRDGNQGQRPGKGL A
#
loop_
_chem_comp.id
_chem_comp.type
_chem_comp.name
_chem_comp.formula
A RNA linking ADENOSINE-5'-MONOPHOSPHATE 'C10 H14 N5 O7 P'
C RNA linking CYTIDINE-5'-MONOPHOSPHATE 'C9 H14 N3 O8 P'
G RNA linking GUANOSINE-5'-MONOPHOSPHATE 'C10 H14 N5 O8 P'
U RNA linking URIDINE-5'-MONOPHOSPHATE 'C9 H13 N2 O9 P'
ZN non-polymer 'ZINC ION' 'Zn 2'
#
# COMPACT_ATOMS: atom_id res chain seq x y z
N GLY B 1 14.29 -2.63 -19.61
CA GLY B 1 15.03 -2.56 -18.36
C GLY B 1 14.70 -3.72 -17.43
N ARG B 2 15.44 -4.81 -17.57
CA ARG B 2 15.22 -5.99 -16.74
C ARG B 2 15.78 -5.78 -15.33
N ALA B 3 15.11 -4.93 -14.55
CA ALA B 3 15.54 -4.64 -13.19
C ALA B 3 14.88 -5.60 -12.20
N ARG B 4 14.25 -6.64 -12.72
CA ARG B 4 13.59 -7.63 -11.87
C ARG B 4 14.51 -8.08 -10.74
N GLY B 5 13.98 -8.04 -9.52
CA GLY B 5 14.77 -8.45 -8.36
C GLY B 5 15.14 -7.28 -7.48
N LEU B 6 15.20 -6.09 -8.06
CA LEU B 6 15.56 -4.89 -7.32
C LEU B 6 14.37 -3.94 -7.22
N CYS B 7 13.90 -3.70 -6.00
CA CYS B 7 12.77 -2.81 -5.80
C CYS B 7 13.22 -1.38 -6.13
N TYR B 8 12.27 -0.61 -6.65
CA TYR B 8 12.53 0.78 -7.01
C TYR B 8 11.78 1.74 -6.10
N THR B 9 10.70 1.25 -5.51
CA THR B 9 9.89 2.07 -4.60
C THR B 9 10.68 2.44 -3.35
N CYS B 10 11.42 1.48 -2.82
CA CYS B 10 12.20 1.71 -1.62
C CYS B 10 13.68 1.64 -2.00
N GLY B 11 14.00 0.68 -2.87
CA GLY B 11 15.36 0.49 -3.31
C GLY B 11 16.04 -0.69 -2.65
N SER B 12 15.26 -1.75 -2.41
CA SER B 12 15.79 -2.94 -1.77
C SER B 12 15.52 -4.18 -2.63
N PRO B 13 16.57 -4.98 -2.87
CA PRO B 13 16.47 -6.20 -3.66
C PRO B 13 15.68 -7.30 -2.96
N GLY B 14 15.32 -8.34 -3.71
CA GLY B 14 14.57 -9.44 -3.13
C GLY B 14 13.08 -9.33 -3.41
N HIS B 15 12.60 -8.10 -3.59
CA HIS B 15 11.19 -7.87 -3.86
C HIS B 15 11.01 -6.69 -4.82
N TYR B 16 9.76 -6.45 -5.23
CA TYR B 16 9.46 -5.36 -6.14
C TYR B 16 8.36 -4.47 -5.58
N GLN B 17 8.02 -3.41 -6.32
CA GLN B 17 6.98 -2.49 -5.89
C GLN B 17 5.72 -3.23 -5.47
N ALA B 18 5.34 -4.24 -6.26
CA ALA B 18 4.15 -5.03 -5.97
C ALA B 18 4.23 -5.64 -4.57
N GLN B 19 5.45 -5.93 -4.12
CA GLN B 19 5.67 -6.52 -2.81
C GLN B 19 6.53 -5.62 -1.94
N CYS B 20 6.43 -4.32 -2.16
CA CYS B 20 7.21 -3.36 -1.38
C CYS B 20 6.55 -3.19 -0.02
N PRO B 21 7.36 -3.42 1.03
CA PRO B 21 6.90 -3.31 2.41
C PRO B 21 6.61 -1.87 2.82
N LYS B 22 7.07 -0.93 2.00
CA LYS B 22 6.86 0.49 2.26
C LYS B 22 5.65 1.02 1.49
N LYS B 23 5.00 0.14 0.74
CA LYS B 23 3.83 0.51 -0.04
C LYS B 23 2.74 1.11 0.85
N ARG B 24 2.57 2.43 0.77
CA ARG B 24 1.57 3.12 1.57
C ARG B 24 1.32 4.52 1.03
N LYS B 25 2.33 5.38 1.14
CA LYS B 25 2.23 6.75 0.66
C LYS B 25 3.43 7.14 -0.18
N SER B 26 3.51 8.41 -0.56
CA SER B 26 4.62 8.91 -1.36
C SER B 26 4.69 8.18 -2.70
N GLY B 27 3.54 8.08 -3.37
CA GLY B 27 3.49 7.42 -4.66
C GLY B 27 2.80 8.25 -5.72
N ASN B 28 1.48 8.09 -5.84
CA ASN B 28 0.71 8.83 -6.82
C ASN B 28 -0.75 8.97 -6.36
N SER B 29 -1.42 7.84 -6.20
CA SER B 29 -2.82 7.84 -5.78
C SER B 29 -3.68 8.62 -6.76
N ARG B 30 -4.34 7.89 -7.67
CA ARG B 30 -5.20 8.51 -8.67
C ARG B 30 -6.57 8.84 -8.08
N GLU B 31 -7.34 7.79 -7.77
CA GLU B 31 -8.67 7.96 -7.20
C GLU B 31 -9.17 6.66 -6.58
N ARG B 32 -8.24 5.85 -6.10
CA ARG B 32 -8.58 4.57 -5.49
C ARG B 32 -8.53 4.67 -3.96
N CYS B 33 -8.95 3.61 -3.29
CA CYS B 33 -8.95 3.59 -1.83
C CYS B 33 -8.13 2.37 -1.37
N GLN B 34 -7.05 2.67 -0.67
CA GLN B 34 -6.17 1.62 -0.16
C GLN B 34 -6.53 1.26 1.28
N LEU B 35 -7.80 1.41 1.62
CA LEU B 35 -8.28 1.11 2.96
C LEU B 35 -9.46 0.15 2.92
N CYS B 36 -10.30 0.31 1.91
CA CYS B 36 -11.47 -0.54 1.77
C CYS B 36 -11.51 -1.07 0.33
N ASN B 37 -10.38 -0.91 -0.36
CA ASN B 37 -10.26 -1.34 -1.74
C ASN B 37 -11.29 -0.65 -2.63
N GLY B 38 -11.80 0.48 -2.16
CA GLY B 38 -12.79 1.22 -2.92
C GLY B 38 -12.23 1.78 -4.21
N MET B 39 -13.11 2.06 -5.17
CA MET B 39 -12.70 2.60 -6.46
C MET B 39 -13.42 3.91 -6.75
N GLY B 40 -12.75 5.02 -6.48
CA GLY B 40 -13.34 6.33 -6.72
C GLY B 40 -12.90 7.37 -5.71
N HIS B 41 -13.13 7.09 -4.42
CA HIS B 41 -12.75 8.01 -3.36
C HIS B 41 -11.32 7.76 -2.91
N ASN B 42 -10.91 8.44 -1.86
CA ASN B 42 -9.55 8.29 -1.33
C ASN B 42 -9.58 7.78 0.10
N ALA B 43 -8.52 7.07 0.49
CA ALA B 43 -8.43 6.52 1.84
C ALA B 43 -8.57 7.62 2.90
N LYS B 44 -7.97 8.77 2.63
CA LYS B 44 -8.04 9.90 3.56
C LYS B 44 -9.48 10.37 3.74
N GLN B 45 -10.32 10.04 2.78
CA GLN B 45 -11.73 10.42 2.84
C GLN B 45 -12.63 9.20 2.88
N CYS B 46 -12.05 8.06 3.24
CA CYS B 46 -12.82 6.83 3.33
C CYS B 46 -13.48 6.75 4.69
N ARG B 47 -14.80 6.58 4.68
CA ARG B 47 -15.58 6.49 5.91
C ARG B 47 -17.04 6.20 5.61
N LYS B 48 -17.80 5.84 6.65
CA LYS B 48 -19.21 5.53 6.49
C LYS B 48 -20.06 6.50 7.31
N ARG B 49 -21.27 6.75 6.83
CA ARG B 49 -22.19 7.65 7.52
C ARG B 49 -23.43 6.91 8.02
N ASP B 50 -24.31 6.55 7.09
CA ASP B 50 -25.54 5.83 7.45
C ASP B 50 -25.47 4.39 6.95
ZN ZN C . 10.42 -2.16 -1.90
ZN ZN D . -12.60 3.47 0.93
N GLY B 1 17.80 -4.90 -17.92
CA GLY B 1 17.39 -6.06 -17.12
C GLY B 1 15.96 -5.95 -16.64
N ARG B 2 15.67 -6.59 -15.51
CA ARG B 2 14.33 -6.56 -14.94
C ARG B 2 14.32 -5.88 -13.59
N ALA B 3 15.42 -6.02 -12.85
CA ALA B 3 15.54 -5.41 -11.54
C ALA B 3 14.59 -6.05 -10.54
N ARG B 4 13.99 -7.17 -10.94
CA ARG B 4 13.05 -7.88 -10.08
C ARG B 4 13.68 -8.21 -8.73
N GLY B 5 12.99 -7.84 -7.66
CA GLY B 5 13.50 -8.10 -6.33
C GLY B 5 13.98 -6.83 -5.64
N LEU B 6 14.42 -5.86 -6.43
CA LEU B 6 14.90 -4.60 -5.89
C LEU B 6 13.85 -3.52 -5.99
N CYS B 7 13.52 -2.90 -4.86
CA CYS B 7 12.52 -1.85 -4.83
C CYS B 7 13.15 -0.58 -5.42
N TYR B 8 12.30 0.24 -6.03
CA TYR B 8 12.74 1.49 -6.64
C TYR B 8 12.12 2.69 -5.93
N THR B 9 10.98 2.46 -5.30
CA THR B 9 10.29 3.52 -4.57
C THR B 9 11.12 4.03 -3.40
N CYS B 10 11.71 3.10 -2.67
CA CYS B 10 12.53 3.46 -1.52
C CYS B 10 13.99 3.09 -1.83
N GLY B 11 14.14 1.95 -2.50
CA GLY B 11 15.47 1.48 -2.87
C GLY B 11 15.95 0.37 -1.97
N SER B 12 15.03 -0.49 -1.53
CA SER B 12 15.37 -1.61 -0.67
C SER B 12 15.49 -2.91 -1.46
N PRO B 13 16.70 -3.50 -1.44
CA PRO B 13 16.97 -4.75 -2.16
C PRO B 13 16.26 -5.95 -1.53
N GLY B 14 15.05 -6.23 -1.99
CA GLY B 14 14.28 -7.35 -1.46
C GLY B 14 12.84 -7.33 -1.93
N HIS B 15 12.11 -6.28 -1.56
CA HIS B 15 10.71 -6.15 -1.93
C HIS B 15 10.56 -5.25 -3.14
N TYR B 16 9.31 -4.92 -3.48
CA TYR B 16 9.03 -4.06 -4.62
C TYR B 16 7.99 -2.99 -4.26
N GLN B 17 7.69 -2.12 -5.21
CA GLN B 17 6.71 -1.06 -5.00
C GLN B 17 5.41 -1.61 -4.43
N ALA B 18 4.97 -2.74 -4.99
CA ALA B 18 3.74 -3.38 -4.53
C ALA B 18 3.81 -3.71 -3.04
N GLN B 19 5.02 -3.89 -2.53
CA GLN B 19 5.23 -4.21 -1.12
C GLN B 19 6.14 -3.19 -0.46
N CYS B 20 6.13 -1.97 -0.98
CA CYS B 20 6.96 -0.91 -0.43
C CYS B 20 6.21 -0.28 0.76
N PRO B 21 6.88 -0.29 1.92
CA PRO B 21 6.32 0.26 3.16
C PRO B 21 6.21 1.79 3.11
N LYS B 22 6.85 2.39 2.11
CA LYS B 22 6.82 3.84 1.95
C LYS B 22 5.78 4.26 0.92
N LYS B 23 5.08 3.27 0.37
CA LYS B 23 4.05 3.54 -0.63
C LYS B 23 3.05 4.58 -0.12
N ARG B 24 2.28 4.19 0.88
CA ARG B 24 1.28 5.10 1.45
C ARG B 24 1.79 5.71 2.76
N LYS B 25 0.92 6.44 3.45
CA LYS B 25 1.28 7.08 4.70
C LYS B 25 0.14 7.00 5.71
N SER B 26 -0.90 7.80 5.50
CA SER B 26 -2.06 7.80 6.39
C SER B 26 -3.31 8.20 5.63
N GLY B 27 -4.47 7.96 6.26
CA GLY B 27 -5.73 8.29 5.62
C GLY B 27 -6.88 7.45 6.14
N ASN B 28 -8.09 7.99 6.06
CA ASN B 28 -9.28 7.29 6.53
C ASN B 28 -10.53 7.81 5.85
N SER B 29 -10.97 8.99 6.26
CA SER B 29 -12.16 9.62 5.69
C SER B 29 -13.39 8.77 5.97
N ARG B 30 -14.22 9.22 6.91
CA ARG B 30 -15.43 8.50 7.28
C ARG B 30 -16.67 9.30 6.89
N GLU B 31 -17.30 8.92 5.78
CA GLU B 31 -18.49 9.59 5.29
C GLU B 31 -19.01 8.95 4.02
N ARG B 32 -19.97 9.60 3.37
CA ARG B 32 -20.56 9.07 2.14
C ARG B 32 -19.84 9.65 0.92
N CYS B 33 -20.11 9.07 -0.25
CA CYS B 33 -19.49 9.54 -1.47
C CYS B 33 -20.60 10.00 -2.42
N GLN B 34 -20.56 11.29 -2.75
CA GLN B 34 -21.55 11.88 -3.65
C GLN B 34 -21.04 11.89 -5.08
N LEU B 35 -20.22 10.90 -5.43
CA LEU B 35 -19.66 10.80 -6.78
C LEU B 35 -19.90 9.41 -7.35
N CYS B 36 -19.85 8.40 -6.50
CA CYS B 36 -20.06 7.02 -6.94
C CYS B 36 -21.07 6.37 -5.99
N ASN B 37 -21.75 7.21 -5.21
CA ASN B 37 -22.73 6.73 -4.26
C ASN B 37 -22.10 5.80 -3.24
N GLY B 38 -20.78 5.88 -3.10
CA GLY B 38 -20.08 5.03 -2.16
C GLY B 38 -20.49 5.29 -0.73
N MET B 39 -20.18 4.34 0.15
CA MET B 39 -20.53 4.48 1.57
C MET B 39 -19.32 4.20 2.45
N GLY B 40 -18.58 5.25 2.78
CA GLY B 40 -17.41 5.10 3.62
C GLY B 40 -16.36 6.15 3.34
N HIS B 41 -15.94 6.26 2.08
CA HIS B 41 -14.93 7.24 1.70
C HIS B 41 -15.58 8.57 1.33
N ASN B 42 -14.78 9.50 0.83
CA ASN B 42 -15.27 10.82 0.43
C ASN B 42 -15.07 11.05 -1.06
N ALA B 43 -15.94 11.87 -1.65
CA ALA B 43 -15.85 12.18 -3.07
C ALA B 43 -14.46 12.72 -3.43
N LYS B 44 -13.94 13.60 -2.59
CA LYS B 44 -12.63 14.19 -2.81
C LYS B 44 -11.55 13.11 -2.87
N GLN B 45 -11.83 11.97 -2.25
CA GLN B 45 -10.89 10.86 -2.23
C GLN B 45 -11.43 9.66 -2.99
N CYS B 46 -12.42 9.91 -3.83
CA CYS B 46 -13.03 8.84 -4.62
C CYS B 46 -12.19 8.64 -5.88
N ARG B 47 -12.01 7.37 -6.24
CA ARG B 47 -11.24 7.01 -7.42
C ARG B 47 -11.75 7.75 -8.65
N LYS B 48 -12.92 7.35 -9.12
CA LYS B 48 -13.53 7.98 -10.30
C LYS B 48 -14.89 7.36 -10.60
N ARG B 49 -15.84 8.19 -11.01
CA ARG B 49 -17.18 7.73 -11.34
C ARG B 49 -18.05 8.88 -11.83
N ASP B 50 -19.10 8.56 -12.57
CA ASP B 50 -20.01 9.56 -13.11
C ASP B 50 -21.03 9.98 -12.05
ZN ZN C . 10.38 -0.16 -1.18
ZN ZN D . -16.75 7.14 -4.28
N GLY B 1 17.91 -8.23 -18.38
CA GLY B 1 16.88 -7.28 -18.05
C GLY B 1 15.97 -7.77 -16.94
N ARG B 2 16.55 -8.11 -15.80
CA ARG B 2 15.78 -8.60 -14.66
C ARG B 2 16.29 -8.00 -13.35
N ALA B 3 15.37 -7.77 -12.42
CA ALA B 3 15.74 -7.20 -11.13
C ALA B 3 14.80 -7.71 -10.03
N ARG B 4 14.10 -8.80 -10.31
CA ARG B 4 13.19 -9.38 -9.35
C ARG B 4 13.87 -9.60 -7.99
N GLY B 5 13.18 -9.23 -6.93
CA GLY B 5 13.73 -9.40 -5.59
C GLY B 5 14.38 -8.12 -5.08
N LEU B 6 14.76 -7.24 -5.99
CA LEU B 6 15.39 -5.98 -5.63
C LEU B 6 14.44 -4.80 -5.86
N CYS B 7 14.17 -4.06 -4.79
CA CYS B 7 13.28 -2.91 -4.90
C CYS B 7 13.98 -1.84 -5.73
N TYR B 8 13.16 -1.04 -6.42
CA TYR B 8 13.68 0.03 -7.26
C TYR B 8 13.22 1.40 -6.73
N THR B 9 12.12 1.41 -5.99
CA THR B 9 11.59 2.63 -5.43
C THR B 9 12.55 3.23 -4.40
N CYS B 10 13.08 2.38 -3.55
CA CYS B 10 14.01 2.83 -2.52
C CYS B 10 15.40 2.28 -2.85
N GLY B 11 15.41 1.05 -3.34
CA GLY B 11 16.67 0.40 -3.70
C GLY B 11 17.11 -0.59 -2.65
N SER B 12 16.15 -1.29 -2.05
CA SER B 12 16.46 -2.28 -1.02
C SER B 12 16.41 -3.69 -1.59
N PRO B 13 17.54 -4.39 -1.54
CA PRO B 13 17.65 -5.76 -2.06
C PRO B 13 16.88 -6.76 -1.20
N GLY B 14 15.64 -7.04 -1.59
CA GLY B 14 14.82 -7.97 -0.84
C GLY B 14 13.35 -7.88 -1.21
N HIS B 15 12.74 -6.73 -0.93
CA HIS B 15 11.32 -6.52 -1.24
C HIS B 15 11.17 -5.80 -2.58
N TYR B 16 9.93 -5.44 -2.90
CA TYR B 16 9.64 -4.75 -4.15
C TYR B 16 8.76 -3.53 -3.91
N GLN B 17 8.49 -2.78 -4.97
CA GLN B 17 7.66 -1.58 -4.87
C GLN B 17 6.35 -1.89 -4.17
N ALA B 18 5.73 -3.02 -4.53
CA ALA B 18 4.48 -3.43 -3.93
C ALA B 18 4.60 -3.58 -2.41
N GLN B 19 5.82 -3.82 -1.95
CA GLN B 19 6.07 -3.98 -0.53
C GLN B 19 7.12 -2.97 -0.04
N CYS B 20 7.21 -1.84 -0.74
CA CYS B 20 8.16 -0.81 -0.37
C CYS B 20 7.56 0.00 0.79
N PRO B 21 8.32 0.07 1.89
CA PRO B 21 7.92 0.81 3.08
C PRO B 21 7.92 2.32 2.86
N LYS B 22 8.52 2.75 1.76
CA LYS B 22 8.60 4.17 1.43
C LYS B 22 7.51 4.56 0.44
N LYS B 23 6.69 3.59 0.05
CA LYS B 23 5.61 3.82 -0.90
C LYS B 23 4.34 4.25 -0.17
N ARG B 24 4.02 3.55 0.91
CA ARG B 24 2.82 3.85 1.70
C ARG B 24 3.19 4.70 2.91
N LYS B 25 2.49 5.82 3.08
CA LYS B 25 2.73 6.71 4.21
C LYS B 25 1.65 7.79 4.29
N SER B 26 0.71 7.61 5.22
CA SER B 26 -0.37 8.57 5.39
C SER B 26 -0.72 8.72 6.87
N GLY B 27 -0.90 9.97 7.30
CA GLY B 27 -1.23 10.23 8.69
C GLY B 27 -2.72 10.40 8.91
N ASN B 28 -3.27 11.50 8.39
CA ASN B 28 -4.70 11.78 8.53
C ASN B 28 -5.31 12.15 7.19
N SER B 29 -6.47 11.57 6.90
CA SER B 29 -7.16 11.84 5.63
C SER B 29 -8.64 12.14 5.89
N ARG B 30 -9.36 12.47 4.81
CA ARG B 30 -10.77 12.79 4.91
C ARG B 30 -11.62 11.73 4.21
N GLU B 31 -12.91 11.69 4.54
CA GLU B 31 -13.83 10.72 3.95
C GLU B 31 -13.31 9.29 4.14
N ARG B 32 -12.53 9.09 5.19
CA ARG B 32 -11.98 7.77 5.49
C ARG B 32 -12.75 7.11 6.62
N CYS B 33 -12.42 5.84 6.89
CA CYS B 33 -13.08 5.11 7.95
C CYS B 33 -12.02 4.59 8.92
N GLN B 34 -12.10 5.06 10.16
CA GLN B 34 -11.15 4.67 11.19
C GLN B 34 -11.71 3.52 12.02
N LEU B 35 -12.57 2.70 11.40
CA LEU B 35 -13.17 1.57 12.08
C LEU B 35 -12.92 0.28 11.30
N CYS B 36 -12.93 0.38 9.98
CA CYS B 36 -12.70 -0.79 9.14
C CYS B 36 -11.63 -0.43 8.11
N ASN B 37 -10.94 0.68 8.37
CA ASN B 37 -9.89 1.15 7.49
C ASN B 37 -10.43 1.42 6.08
N GLY B 38 -11.75 1.61 5.99
CA GLY B 38 -12.37 1.87 4.71
C GLY B 38 -11.94 3.20 4.12
N MET B 39 -12.07 3.33 2.80
CA MET B 39 -11.69 4.56 2.12
C MET B 39 -12.86 5.11 1.31
N GLY B 40 -13.57 6.08 1.88
CA GLY B 40 -14.70 6.68 1.20
C GLY B 40 -15.80 7.10 2.15
N HIS B 41 -16.29 6.15 2.93
CA HIS B 41 -17.35 6.43 3.90
C HIS B 41 -16.77 6.90 5.24
N ASN B 42 -17.63 7.06 6.22
CA ASN B 42 -17.20 7.50 7.55
C ASN B 42 -17.50 6.45 8.61
N ALA B 43 -16.70 6.42 9.66
CA ALA B 43 -16.87 5.47 10.75
C ALA B 43 -18.26 5.60 11.36
N LYS B 44 -18.77 6.83 11.42
CA LYS B 44 -20.08 7.08 11.99
C LYS B 44 -21.17 6.36 11.19
N GLN B 45 -20.87 6.05 9.94
CA GLN B 45 -21.81 5.37 9.06
C GLN B 45 -21.31 3.99 8.68
N CYS B 46 -20.30 3.51 9.40
CA CYS B 46 -19.73 2.20 9.12
C CYS B 46 -20.44 1.18 10.00
N ARG B 47 -20.74 0.04 9.39
CA ARG B 47 -21.42 -1.05 10.09
C ARG B 47 -22.73 -0.55 10.70
N LYS B 48 -23.74 -0.38 9.86
CA LYS B 48 -25.05 0.09 10.32
C LYS B 48 -26.07 0.04 9.19
N ARG B 49 -27.22 -0.58 9.46
CA ARG B 49 -28.27 -0.68 8.46
C ARG B 49 -27.77 -1.42 7.22
N ASP B 50 -27.96 -2.74 7.21
CA ASP B 50 -27.54 -3.56 6.07
C ASP B 50 -26.05 -3.35 5.80
ZN ZN C . 11.58 -0.47 -1.46
ZN ZN D . -15.87 1.49 7.45
N GLY B 1 17.56 -7.71 -17.68
CA GLY B 1 18.40 -8.11 -16.56
C GLY B 1 17.59 -8.54 -15.36
N ARG B 2 16.34 -8.09 -15.30
CA ARG B 2 15.46 -8.43 -14.20
C ARG B 2 16.00 -7.86 -12.88
N ALA B 3 15.41 -6.76 -12.43
CA ALA B 3 15.83 -6.12 -11.19
C ALA B 3 14.99 -6.59 -10.01
N ARG B 4 14.36 -7.75 -10.17
CA ARG B 4 13.52 -8.32 -9.12
C ARG B 4 14.27 -8.36 -7.79
N GLY B 5 13.59 -7.94 -6.72
CA GLY B 5 14.21 -7.94 -5.41
C GLY B 5 14.74 -6.58 -5.03
N LEU B 6 15.01 -5.74 -6.03
CA LEU B 6 15.54 -4.40 -5.79
C LEU B 6 14.48 -3.35 -6.06
N CYS B 7 14.22 -2.51 -5.08
CA CYS B 7 13.22 -1.45 -5.22
C CYS B 7 13.81 -0.37 -6.13
N TYR B 8 12.92 0.27 -6.89
CA TYR B 8 13.31 1.32 -7.81
C TYR B 8 12.73 2.67 -7.39
N THR B 9 11.63 2.60 -6.62
CA THR B 9 10.97 3.81 -6.15
C THR B 9 11.84 4.57 -5.16
N CYS B 10 12.47 3.85 -4.25
CA CYS B 10 13.33 4.46 -3.26
C CYS B 10 14.78 4.06 -3.55
N GLY B 11 14.94 2.81 -4.00
CA GLY B 11 16.25 2.29 -4.32
C GLY B 11 16.81 1.42 -3.22
N SER B 12 15.94 0.67 -2.55
CA SER B 12 16.35 -0.21 -1.47
C SER B 12 16.34 -1.67 -1.92
N PRO B 13 17.52 -2.30 -1.95
CA PRO B 13 17.67 -3.69 -2.36
C PRO B 13 17.08 -4.66 -1.34
N GLY B 14 15.85 -5.10 -1.60
CA GLY B 14 15.19 -6.03 -0.70
C GLY B 14 13.70 -6.14 -0.96
N HIS B 15 13.10 -5.03 -1.36
CA HIS B 15 11.66 -5.00 -1.64
C HIS B 15 11.39 -4.35 -3.00
N TYR B 16 10.12 -4.15 -3.30
CA TYR B 16 9.72 -3.53 -4.56
C TYR B 16 8.72 -2.40 -4.33
N GLN B 17 8.33 -1.73 -5.41
CA GLN B 17 7.38 -0.62 -5.32
C GLN B 17 6.13 -1.04 -4.53
N ALA B 18 5.63 -2.24 -4.81
CA ALA B 18 4.46 -2.75 -4.13
C ALA B 18 4.67 -2.82 -2.62
N GLN B 19 5.93 -2.93 -2.22
CA GLN B 19 6.28 -3.01 -0.80
C GLN B 19 7.21 -1.87 -0.41
N CYS B 20 7.14 -0.77 -1.15
CA CYS B 20 7.99 0.37 -0.86
C CYS B 20 7.37 1.15 0.29
N PRO B 21 8.17 1.35 1.34
CA PRO B 21 7.75 2.08 2.54
C PRO B 21 7.58 3.57 2.27
N LYS B 22 8.07 4.02 1.13
CA LYS B 22 7.97 5.43 0.75
C LYS B 22 6.79 5.66 -0.20
N LYS B 23 6.07 4.59 -0.52
CA LYS B 23 4.93 4.67 -1.41
C LYS B 23 3.71 5.21 -0.68
N ARG B 24 3.45 6.52 -0.85
CA ARG B 24 2.31 7.16 -0.20
C ARG B 24 2.10 8.56 -0.76
N LYS B 25 0.88 9.07 -0.61
CA LYS B 25 0.54 10.40 -1.11
C LYS B 25 -0.83 10.83 -0.58
N SER B 26 -1.85 10.05 -0.89
CA SER B 26 -3.21 10.36 -0.45
C SER B 26 -3.68 11.67 -1.06
N GLY B 27 -3.40 11.86 -2.35
CA GLY B 27 -3.80 13.08 -3.03
C GLY B 27 -5.21 12.98 -3.60
N ASN B 28 -5.31 13.00 -4.93
CA ASN B 28 -6.60 12.92 -5.60
C ASN B 28 -6.56 11.91 -6.75
N SER B 29 -7.71 11.39 -7.12
CA SER B 29 -7.81 10.42 -8.21
C SER B 29 -7.03 9.16 -7.87
N ARG B 30 -7.55 8.39 -6.91
CA ARG B 30 -6.90 7.16 -6.49
C ARG B 30 -7.78 5.94 -6.80
N GLU B 31 -7.25 4.75 -6.58
CA GLU B 31 -7.99 3.52 -6.83
C GLU B 31 -8.42 2.86 -5.53
N ARG B 32 -7.59 2.99 -4.50
CA ARG B 32 -7.90 2.40 -3.20
C ARG B 32 -8.49 3.46 -2.26
N CYS B 33 -8.94 3.01 -1.10
CA CYS B 33 -9.51 3.92 -0.12
C CYS B 33 -8.76 3.75 1.20
N GLN B 34 -8.10 4.83 1.61
CA GLN B 34 -7.33 4.83 2.85
C GLN B 34 -8.17 5.35 4.01
N LEU B 35 -9.47 5.13 3.94
CA LEU B 35 -10.38 5.58 4.98
C LEU B 35 -11.25 4.43 5.48
N CYS B 36 -11.62 3.55 4.57
CA CYS B 36 -12.45 2.40 4.93
C CYS B 36 -11.83 1.14 4.33
N ASN B 37 -10.57 1.28 3.93
CA ASN B 37 -9.82 0.17 3.34
C ASN B 37 -10.52 -0.34 2.08
N GLY B 38 -11.38 0.50 1.50
CA GLY B 38 -12.10 0.12 0.30
C GLY B 38 -11.19 -0.10 -0.89
N MET B 39 -11.64 -0.90 -1.85
CA MET B 39 -10.85 -1.18 -3.04
C MET B 39 -11.61 -0.81 -4.30
N GLY B 40 -11.39 0.40 -4.78
CA GLY B 40 -12.07 0.86 -5.99
C GLY B 40 -12.26 2.36 -6.01
N HIS B 41 -12.94 2.89 -4.98
CA HIS B 41 -13.18 4.32 -4.89
C HIS B 41 -12.02 5.03 -4.22
N ASN B 42 -12.20 6.32 -3.95
CA ASN B 42 -11.16 7.12 -3.30
C ASN B 42 -11.65 7.66 -1.96
N ALA B 43 -10.72 7.87 -1.03
CA ALA B 43 -11.06 8.38 0.29
C ALA B 43 -11.82 9.71 0.17
N LYS B 44 -11.34 10.59 -0.69
CA LYS B 44 -11.97 11.88 -0.89
C LYS B 44 -13.42 11.72 -1.32
N GLN B 45 -13.74 10.57 -1.88
CA GLN B 45 -15.10 10.29 -2.34
C GLN B 45 -15.72 9.12 -1.55
N CYS B 46 -15.12 8.82 -0.40
CA CYS B 46 -15.61 7.73 0.43
C CYS B 46 -16.74 8.29 1.32
N ARG B 47 -17.84 7.56 1.32
CA ARG B 47 -19.01 7.95 2.11
C ARG B 47 -19.52 9.32 1.69
N LYS B 48 -20.64 9.73 2.26
CA LYS B 48 -21.24 11.03 1.94
C LYS B 48 -21.98 11.60 3.14
N ARG B 49 -22.62 12.74 2.95
CA ARG B 49 -23.35 13.40 4.03
C ARG B 49 -24.55 12.55 4.46
N ASP B 50 -25.13 11.81 3.51
CA ASP B 50 -26.28 10.96 3.80
C ASP B 50 -27.42 11.77 4.39
ZN ZN C . 11.27 1.00 -1.88
ZN ZN D . -13.87 4.08 1.30
N GLY B 1 16.39 -4.90 -16.74
CA GLY B 1 16.56 -6.32 -16.50
C GLY B 1 15.51 -6.86 -15.54
N ARG B 2 15.80 -8.01 -14.93
CA ARG B 2 14.88 -8.63 -13.99
C ARG B 2 14.77 -7.80 -12.72
N ALA B 3 15.83 -7.81 -11.92
CA ALA B 3 15.85 -7.06 -10.66
C ALA B 3 14.80 -7.59 -9.69
N ARG B 4 14.29 -8.78 -9.97
CA ARG B 4 13.28 -9.40 -9.12
C ARG B 4 13.78 -9.52 -7.68
N GLY B 5 12.96 -9.03 -6.74
CA GLY B 5 13.34 -9.08 -5.35
C GLY B 5 13.94 -7.78 -4.85
N LEU B 6 14.49 -7.00 -5.77
CA LEU B 6 15.10 -5.72 -5.43
C LEU B 6 14.14 -4.56 -5.72
N CYS B 7 13.78 -3.84 -4.67
CA CYS B 7 12.88 -2.71 -4.81
C CYS B 7 13.60 -1.63 -5.62
N TYR B 8 12.80 -0.86 -6.35
CA TYR B 8 13.33 0.22 -7.19
C TYR B 8 12.85 1.58 -6.68
N THR B 9 11.72 1.58 -5.99
CA THR B 9 11.16 2.81 -5.45
C THR B 9 12.07 3.42 -4.39
N CYS B 10 12.57 2.58 -3.50
CA CYS B 10 13.45 3.05 -2.44
C CYS B 10 14.86 2.50 -2.71
N GLY B 11 14.90 1.27 -3.20
CA GLY B 11 16.17 0.64 -3.49
C GLY B 11 16.58 -0.37 -2.43
N SER B 12 15.61 -1.04 -1.85
CA SER B 12 15.88 -2.03 -0.82
C SER B 12 15.87 -3.45 -1.39
N PRO B 13 17.02 -4.13 -1.30
CA PRO B 13 17.17 -5.49 -1.80
C PRO B 13 16.39 -6.52 -0.98
N GLY B 14 15.13 -6.74 -1.36
CA GLY B 14 14.30 -7.69 -0.65
C GLY B 14 12.86 -7.63 -1.08
N HIS B 15 12.23 -6.48 -0.87
CA HIS B 15 10.83 -6.30 -1.24
C HIS B 15 10.71 -5.59 -2.59
N TYR B 16 9.48 -5.27 -2.97
CA TYR B 16 9.23 -4.60 -4.24
C TYR B 16 8.34 -3.37 -4.04
N GLN B 17 8.12 -2.62 -5.12
CA GLN B 17 7.27 -1.44 -5.06
C GLN B 17 5.92 -1.75 -4.42
N ALA B 18 5.35 -2.89 -4.79
CA ALA B 18 4.06 -3.31 -4.25
C ALA B 18 4.13 -3.44 -2.73
N GLN B 19 5.32 -3.67 -2.21
CA GLN B 19 5.52 -3.83 -0.77
C GLN B 19 6.52 -2.80 -0.25
N CYS B 20 6.63 -1.68 -0.94
CA CYS B 20 7.55 -0.63 -0.54
C CYS B 20 6.88 0.19 0.56
N PRO B 21 7.59 0.27 1.70
CA PRO B 21 7.11 1.03 2.87
C PRO B 21 7.11 2.53 2.64
N LYS B 22 7.76 2.95 1.56
CA LYS B 22 7.84 4.37 1.22
C LYS B 22 6.80 4.74 0.17
N LYS B 23 6.01 3.75 -0.24
CA LYS B 23 4.97 3.97 -1.24
C LYS B 23 4.01 5.08 -0.80
N ARG B 24 3.93 6.13 -1.60
CA ARG B 24 3.06 7.26 -1.29
C ARG B 24 1.92 7.36 -2.30
N LYS B 25 0.85 8.03 -1.90
CA LYS B 25 -0.32 8.20 -2.78
C LYS B 25 -0.74 9.67 -2.82
N SER B 26 -1.58 10.00 -3.80
CA SER B 26 -2.08 11.36 -3.97
C SER B 26 -3.19 11.43 -5.00
N GLY B 27 -3.91 12.54 -5.02
CA GLY B 27 -4.99 12.70 -5.97
C GLY B 27 -4.51 12.92 -7.38
N ASN B 28 -5.44 12.92 -8.34
CA ASN B 28 -5.08 13.11 -9.74
C ASN B 28 -6.25 13.74 -10.51
N SER B 29 -7.43 13.14 -10.38
CA SER B 29 -8.62 13.64 -11.06
C SER B 29 -9.88 13.20 -10.32
N ARG B 30 -11.02 13.76 -10.73
CA ARG B 30 -12.30 13.43 -10.12
C ARG B 30 -12.97 12.26 -10.85
N GLU B 31 -12.41 11.07 -10.68
CA GLU B 31 -12.95 9.87 -11.31
C GLU B 31 -12.71 8.64 -10.45
N ARG B 32 -11.51 8.53 -9.90
CA ARG B 32 -11.15 7.40 -9.05
C ARG B 32 -11.21 7.79 -7.58
N CYS B 33 -11.03 6.81 -6.70
CA CYS B 33 -11.07 7.05 -5.28
C CYS B 33 -9.76 6.54 -4.66
N GLN B 34 -9.00 7.47 -4.10
CA GLN B 34 -7.72 7.14 -3.48
C GLN B 34 -7.89 6.93 -1.97
N LEU B 35 -9.08 6.49 -1.58
CA LEU B 35 -9.36 6.24 -0.17
C LEU B 35 -9.88 4.82 0.04
N CYS B 36 -10.65 4.33 -0.91
CA CYS B 36 -11.20 2.99 -0.82
C CYS B 36 -10.91 2.25 -2.13
N ASN B 37 -10.00 2.84 -2.92
CA ASN B 37 -9.61 2.27 -4.19
C ASN B 37 -10.82 2.15 -5.13
N GLY B 38 -11.86 2.92 -4.83
CA GLY B 38 -13.07 2.89 -5.65
C GLY B 38 -12.83 3.40 -7.06
N MET B 39 -13.68 3.00 -7.98
CA MET B 39 -13.55 3.43 -9.38
C MET B 39 -14.84 4.09 -9.86
N GLY B 40 -14.88 5.41 -9.83
CA GLY B 40 -16.06 6.13 -10.27
C GLY B 40 -16.27 7.43 -9.50
N HIS B 41 -16.35 7.32 -8.18
CA HIS B 41 -16.56 8.49 -7.33
C HIS B 41 -15.22 9.11 -6.93
N ASN B 42 -15.27 10.11 -6.05
CA ASN B 42 -14.05 10.78 -5.60
C ASN B 42 -13.86 10.61 -4.10
N ALA B 43 -12.60 10.64 -3.67
CA ALA B 43 -12.28 10.48 -2.26
C ALA B 43 -12.97 11.53 -1.41
N LYS B 44 -13.07 12.75 -1.95
CA LYS B 44 -13.72 13.85 -1.24
C LYS B 44 -15.19 13.53 -0.97
N GLN B 45 -15.74 12.62 -1.77
CA GLN B 45 -17.15 12.23 -1.61
C GLN B 45 -17.26 10.77 -1.21
N CYS B 46 -16.17 10.19 -0.76
CA CYS B 46 -16.16 8.80 -0.35
C CYS B 46 -16.50 8.74 1.15
N ARG B 47 -17.29 7.75 1.50
CA ARG B 47 -17.71 7.55 2.89
C ARG B 47 -18.48 8.77 3.39
N LYS B 48 -18.93 8.70 4.65
CA LYS B 48 -19.68 9.79 5.25
C LYS B 48 -20.97 10.05 4.48
N ARG B 49 -21.91 9.12 4.56
CA ARG B 49 -23.19 9.25 3.88
C ARG B 49 -24.34 8.81 4.78
N ASP B 50 -25.39 9.63 4.84
CA ASP B 50 -26.55 9.33 5.66
C ASP B 50 -27.70 8.81 4.81
ZN ZN C . 11.01 -0.26 -1.47
ZN ZN D . -14.22 5.58 -2.31
N GLY B 1 16.36 -3.54 -17.79
CA GLY B 1 17.01 -4.47 -16.89
C GLY B 1 16.03 -5.20 -16.00
N ARG B 2 16.33 -6.46 -15.69
CA ARG B 2 15.46 -7.26 -14.84
C ARG B 2 15.21 -6.57 -13.50
N ALA B 3 16.26 -6.43 -12.71
CA ALA B 3 16.15 -5.78 -11.40
C ALA B 3 15.23 -6.58 -10.47
N ARG B 4 14.94 -7.82 -10.85
CA ARG B 4 14.07 -8.69 -10.05
C ARG B 4 14.73 -9.02 -8.72
N GLY B 5 14.49 -8.17 -7.72
CA GLY B 5 15.07 -8.40 -6.41
C GLY B 5 15.45 -7.11 -5.71
N LEU B 6 15.37 -6.00 -6.44
CA LEU B 6 15.71 -4.69 -5.89
C LEU B 6 14.50 -3.77 -5.89
N CYS B 7 14.10 -3.32 -4.70
CA CYS B 7 12.96 -2.43 -4.59
C CYS B 7 13.27 -1.14 -5.35
N TYR B 8 12.24 -0.63 -6.02
CA TYR B 8 12.37 0.60 -6.80
C TYR B 8 11.63 1.76 -6.14
N THR B 9 11.71 1.81 -4.81
CA THR B 9 11.06 2.87 -4.04
C THR B 9 11.94 3.35 -2.90
N CYS B 10 12.49 2.41 -2.14
CA CYS B 10 13.34 2.75 -1.02
C CYS B 10 14.77 2.34 -1.36
N GLY B 11 14.88 1.20 -2.05
CA GLY B 11 16.18 0.69 -2.44
C GLY B 11 16.60 -0.52 -1.63
N SER B 12 15.62 -1.30 -1.18
CA SER B 12 15.89 -2.49 -0.38
C SER B 12 15.82 -3.75 -1.23
N PRO B 13 16.94 -4.47 -1.32
CA PRO B 13 17.03 -5.70 -2.11
C PRO B 13 16.24 -6.84 -1.49
N GLY B 14 15.03 -7.06 -2.00
CA GLY B 14 14.20 -8.13 -1.49
C GLY B 14 12.74 -7.96 -1.87
N HIS B 15 12.11 -6.92 -1.32
CA HIS B 15 10.70 -6.65 -1.61
C HIS B 15 10.57 -5.69 -2.78
N TYR B 16 9.33 -5.50 -3.25
CA TYR B 16 9.07 -4.61 -4.38
C TYR B 16 8.24 -3.41 -3.93
N GLN B 17 8.05 -2.46 -4.85
CA GLN B 17 7.27 -1.27 -4.55
C GLN B 17 5.92 -1.62 -3.96
N ALA B 18 5.29 -2.66 -4.51
CA ALA B 18 3.99 -3.11 -4.04
C ALA B 18 4.06 -3.54 -2.58
N GLN B 19 5.26 -3.91 -2.13
CA GLN B 19 5.45 -4.35 -0.75
C GLN B 19 6.43 -3.43 -0.02
N CYS B 20 6.63 -2.24 -0.56
CA CYS B 20 7.54 -1.28 0.04
C CYS B 20 6.88 -0.72 1.30
N PRO B 21 7.60 -0.86 2.42
CA PRO B 21 7.12 -0.37 3.73
C PRO B 21 7.10 1.15 3.81
N LYS B 22 7.76 1.79 2.85
CA LYS B 22 7.82 3.25 2.82
C LYS B 22 6.77 3.81 1.86
N LYS B 23 5.99 2.92 1.25
CA LYS B 23 4.95 3.34 0.32
C LYS B 23 3.64 3.61 1.06
N ARG B 24 3.38 4.90 1.32
CA ARG B 24 2.16 5.30 2.02
C ARG B 24 1.92 6.79 1.86
N LYS B 25 0.65 7.19 1.90
CA LYS B 25 0.28 8.59 1.76
C LYS B 25 -1.07 8.87 2.42
N SER B 26 -1.04 9.11 3.72
CA SER B 26 -2.26 9.38 4.49
C SER B 26 -1.92 9.96 5.86
N GLY B 27 -2.51 11.10 6.18
CA GLY B 27 -2.27 11.74 7.45
C GLY B 27 -3.51 12.42 8.01
N ASN B 28 -4.63 11.69 8.04
CA ASN B 28 -5.88 12.23 8.55
C ASN B 28 -6.87 11.12 8.85
N SER B 29 -7.37 11.08 10.08
CA SER B 29 -8.32 10.06 10.49
C SER B 29 -9.32 10.62 11.49
N ARG B 30 -10.60 10.32 11.29
CA ARG B 30 -11.65 10.79 12.17
C ARG B 30 -12.80 9.79 12.24
N GLU B 31 -13.34 9.42 11.09
CA GLU B 31 -14.44 8.47 11.02
C GLU B 31 -14.14 7.36 10.02
N ARG B 32 -12.86 7.08 9.81
CA ARG B 32 -12.45 6.05 8.87
C ARG B 32 -12.05 4.78 9.61
N CYS B 33 -11.78 3.72 8.85
CA CYS B 33 -11.40 2.45 9.44
C CYS B 33 -10.06 2.02 8.84
N GLN B 34 -9.05 1.93 9.70
CA GLN B 34 -7.72 1.53 9.28
C GLN B 34 -7.51 0.04 9.47
N LEU B 35 -8.59 -0.73 9.39
CA LEU B 35 -8.52 -2.17 9.55
C LEU B 35 -9.15 -2.88 8.35
N CYS B 36 -10.21 -2.30 7.81
CA CYS B 36 -10.89 -2.89 6.67
C CYS B 36 -11.06 -1.80 5.61
N ASN B 37 -10.33 -0.70 5.80
CA ASN B 37 -10.38 0.43 4.87
C ASN B 37 -11.80 0.98 4.78
N GLY B 38 -12.61 0.70 5.79
CA GLY B 38 -13.98 1.18 5.80
C GLY B 38 -14.06 2.70 5.90
N MET B 39 -15.18 3.25 5.45
CA MET B 39 -15.37 4.70 5.50
C MET B 39 -16.64 5.05 6.26
N GLY B 40 -16.48 5.39 7.55
CA GLY B 40 -17.62 5.74 8.37
C GLY B 40 -17.44 5.34 9.82
N HIS B 41 -17.21 4.05 10.05
CA HIS B 41 -17.01 3.54 11.40
C HIS B 41 -15.55 3.67 11.83
N ASN B 42 -15.22 3.11 12.98
CA ASN B 42 -13.86 3.15 13.50
C ASN B 42 -13.29 1.75 13.65
N ALA B 43 -11.98 1.63 13.53
CA ALA B 43 -11.31 0.34 13.66
C ALA B 43 -11.59 -0.30 15.02
N LYS B 44 -11.69 0.53 16.05
CA LYS B 44 -11.98 0.05 17.39
C LYS B 44 -13.33 -0.64 17.46
N GLN B 45 -14.20 -0.30 16.51
CA GLN B 45 -15.54 -0.88 16.46
C GLN B 45 -15.73 -1.71 15.20
N CYS B 46 -14.62 -2.03 14.55
CA CYS B 46 -14.67 -2.83 13.33
C CYS B 46 -14.56 -4.30 13.71
N ARG B 47 -15.40 -5.12 13.07
CA ARG B 47 -15.42 -6.55 13.33
C ARG B 47 -15.57 -6.83 14.82
N LYS B 48 -16.24 -5.92 15.53
CA LYS B 48 -16.46 -6.08 16.96
C LYS B 48 -17.94 -5.95 17.30
N ARG B 49 -18.65 -7.08 17.28
CA ARG B 49 -20.08 -7.10 17.59
C ARG B 49 -20.45 -8.36 18.36
N ASP B 50 -21.58 -8.30 19.05
CA ASP B 50 -22.05 -9.44 19.83
C ASP B 50 -22.96 -10.33 18.98
ZN ZN C . 10.98 -0.69 -0.71
ZN ZN D . -13.81 -1.45 9.40
N GLY B 1 17.70 -5.29 -18.02
CA GLY B 1 16.46 -4.55 -17.86
C GLY B 1 15.40 -5.37 -17.13
N ARG B 2 15.67 -5.69 -15.88
CA ARG B 2 14.74 -6.47 -15.07
C ARG B 2 14.62 -5.88 -13.66
N ALA B 3 15.73 -5.89 -12.94
CA ALA B 3 15.74 -5.37 -11.57
C ALA B 3 14.86 -6.19 -10.66
N ARG B 4 14.47 -7.38 -11.12
CA ARG B 4 13.62 -8.27 -10.33
C ARG B 4 14.23 -8.55 -8.97
N GLY B 5 13.42 -8.47 -7.92
CA GLY B 5 13.91 -8.72 -6.58
C GLY B 5 14.27 -7.45 -5.85
N LEU B 6 14.55 -6.39 -6.60
CA LEU B 6 14.91 -5.11 -6.01
C LEU B 6 13.68 -4.24 -5.76
N CYS B 7 13.71 -3.48 -4.68
CA CYS B 7 12.58 -2.62 -4.34
C CYS B 7 12.92 -1.20 -4.80
N TYR B 8 11.87 -0.45 -5.11
CA TYR B 8 12.00 0.93 -5.57
C TYR B 8 11.51 1.91 -4.51
N THR B 9 10.53 1.47 -3.73
CA THR B 9 9.95 2.31 -2.68
C THR B 9 11.00 2.67 -1.64
N CYS B 10 11.74 1.67 -1.18
CA CYS B 10 12.77 1.90 -0.18
C CYS B 10 14.14 1.79 -0.86
N GLY B 11 14.24 0.83 -1.76
CA GLY B 11 15.49 0.62 -2.49
C GLY B 11 16.31 -0.51 -1.90
N SER B 12 15.64 -1.56 -1.45
CA SER B 12 16.33 -2.70 -0.86
C SER B 12 16.30 -3.91 -1.81
N PRO B 13 17.49 -4.39 -2.19
CA PRO B 13 17.63 -5.53 -3.10
C PRO B 13 17.20 -6.84 -2.44
N GLY B 14 15.89 -7.12 -2.48
CA GLY B 14 15.37 -8.33 -1.89
C GLY B 14 13.88 -8.50 -2.14
N HIS B 15 13.16 -7.39 -2.17
CA HIS B 15 11.72 -7.42 -2.39
C HIS B 15 11.30 -6.32 -3.37
N TYR B 16 10.00 -6.23 -3.63
CA TYR B 16 9.46 -5.23 -4.55
C TYR B 16 8.52 -4.28 -3.83
N GLN B 17 8.22 -3.16 -4.47
CA GLN B 17 7.34 -2.15 -3.89
C GLN B 17 6.03 -2.79 -3.43
N ALA B 18 5.54 -3.75 -4.20
CA ALA B 18 4.29 -4.44 -3.86
C ALA B 18 4.40 -5.11 -2.50
N GLN B 19 5.63 -5.36 -2.05
CA GLN B 19 5.86 -6.00 -0.76
C GLN B 19 6.83 -5.18 0.08
N CYS B 20 6.79 -3.88 -0.09
CA CYS B 20 7.67 -2.99 0.67
C CYS B 20 7.16 -2.92 2.10
N PRO B 21 8.07 -3.21 3.05
CA PRO B 21 7.75 -3.19 4.47
C PRO B 21 7.52 -1.78 5.00
N LYS B 22 7.87 -0.79 4.19
CA LYS B 22 7.70 0.61 4.57
C LYS B 22 6.41 1.18 3.98
N LYS B 23 5.68 0.35 3.25
CA LYS B 23 4.43 0.77 2.63
C LYS B 23 3.45 1.26 3.68
N ARG B 24 3.60 0.78 4.91
CA ARG B 24 2.73 1.18 6.01
C ARG B 24 3.32 0.75 7.35
N LYS B 25 2.52 0.87 8.41
CA LYS B 25 2.95 0.49 9.74
C LYS B 25 2.69 -1.00 10.00
N SER B 26 3.14 -1.48 11.15
CA SER B 26 2.96 -2.89 11.50
C SER B 26 2.99 -3.07 13.02
N GLY B 27 3.04 -4.32 13.46
CA GLY B 27 3.09 -4.61 14.88
C GLY B 27 3.33 -6.08 15.16
N ASN B 28 2.76 -6.57 16.26
CA ASN B 28 2.91 -7.97 16.65
C ASN B 28 1.72 -8.45 17.46
N SER B 29 1.70 -9.74 17.77
CA SER B 29 0.60 -10.33 18.54
C SER B 29 0.84 -11.81 18.77
N ARG B 30 -0.13 -12.47 19.40
CA ARG B 30 -0.03 -13.90 19.69
C ARG B 30 0.08 -14.70 18.40
N GLU B 31 -0.01 -16.03 18.52
CA GLU B 31 0.07 -16.91 17.36
C GLU B 31 -1.22 -17.68 17.17
N ARG B 32 -2.32 -17.12 17.65
CA ARG B 32 -3.62 -17.76 17.53
C ARG B 32 -4.49 -17.04 16.50
N CYS B 33 -5.65 -17.62 16.21
CA CYS B 33 -6.56 -17.02 15.25
C CYS B 33 -7.91 -16.82 15.93
N GLN B 34 -8.31 -15.55 16.02
CA GLN B 34 -9.57 -15.18 16.65
C GLN B 34 -10.67 -15.04 15.60
N LEU B 35 -10.55 -15.78 14.51
CA LEU B 35 -11.53 -15.74 13.43
C LEU B 35 -12.04 -17.14 13.11
N CYS B 36 -11.16 -18.13 13.19
CA CYS B 36 -11.54 -19.50 12.92
C CYS B 36 -11.06 -20.39 14.06
N ASN B 37 -10.70 -19.73 15.16
CA ASN B 37 -10.21 -20.42 16.35
C ASN B 37 -8.96 -21.24 16.03
N GLY B 38 -8.29 -20.87 14.94
CA GLY B 38 -7.09 -21.59 14.54
C GLY B 38 -5.96 -21.41 15.53
N MET B 39 -5.01 -22.34 15.51
CA MET B 39 -3.86 -22.28 16.41
C MET B 39 -2.55 -22.32 15.63
N GLY B 40 -1.96 -21.15 15.43
CA GLY B 40 -0.71 -21.07 14.70
C GLY B 40 -0.60 -19.81 13.87
N HIS B 41 -1.56 -19.60 12.98
CA HIS B 41 -1.56 -18.42 12.11
C HIS B 41 -2.26 -17.25 12.81
N ASN B 42 -2.44 -16.16 12.07
CA ASN B 42 -3.09 -14.97 12.62
C ASN B 42 -4.36 -14.65 11.85
N ALA B 43 -5.32 -14.03 12.54
CA ALA B 43 -6.60 -13.67 11.92
C ALA B 43 -6.38 -12.79 10.69
N LYS B 44 -5.42 -11.88 10.79
CA LYS B 44 -5.11 -10.97 9.69
C LYS B 44 -4.64 -11.75 8.46
N GLN B 45 -4.13 -12.95 8.70
CA GLN B 45 -3.64 -13.80 7.62
C GLN B 45 -4.46 -15.08 7.51
N CYS B 46 -5.64 -15.08 8.12
CA CYS B 46 -6.51 -16.24 8.09
C CYS B 46 -7.31 -16.21 6.78
N ARG B 47 -7.34 -17.36 6.12
CA ARG B 47 -8.06 -17.49 4.86
C ARG B 47 -9.53 -17.83 5.10
N LYS B 48 -10.19 -17.01 5.91
CA LYS B 48 -11.60 -17.22 6.22
C LYS B 48 -12.42 -17.37 4.96
N ARG B 49 -13.48 -18.17 5.03
CA ARG B 49 -14.35 -18.40 3.89
C ARG B 49 -15.65 -17.59 4.01
N ASP B 50 -15.50 -16.30 4.29
CA ASP B 50 -16.67 -15.43 4.44
C ASP B 50 -16.79 -14.48 3.25
ZN ZN C . 10.84 -1.87 -0.18
ZN ZN D . -7.74 -18.75 11.16
N GLY B 1 17.94 -4.91 -15.58
CA GLY B 1 17.04 -5.75 -16.36
C GLY B 1 15.86 -6.23 -15.55
N ARG B 2 15.99 -7.42 -14.96
CA ARG B 2 14.92 -8.00 -14.16
C ARG B 2 14.70 -7.19 -12.88
N ALA B 3 15.73 -7.18 -12.02
CA ALA B 3 15.65 -6.45 -10.76
C ALA B 3 14.66 -7.10 -9.80
N ARG B 4 14.17 -8.28 -10.18
CA ARG B 4 13.21 -9.01 -9.35
C ARG B 4 13.85 -9.44 -8.04
N GLY B 5 13.80 -8.55 -7.04
CA GLY B 5 14.38 -8.86 -5.76
C GLY B 5 14.70 -7.62 -4.95
N LEU B 6 14.79 -6.49 -5.64
CA LEU B 6 15.10 -5.22 -4.98
C LEU B 6 13.90 -4.28 -5.03
N CYS B 7 13.33 -4.00 -3.86
CA CYS B 7 12.18 -3.11 -3.78
C CYS B 7 12.56 -1.78 -4.43
N TYR B 8 11.61 -1.24 -5.19
CA TYR B 8 11.82 0.03 -5.88
C TYR B 8 11.04 1.15 -5.20
N THR B 9 11.02 1.13 -3.87
CA THR B 9 10.30 2.14 -3.11
C THR B 9 11.10 2.55 -1.87
N CYS B 10 11.57 1.56 -1.12
CA CYS B 10 12.35 1.83 0.08
C CYS B 10 13.79 1.42 -0.18
N GLY B 11 13.94 0.32 -0.91
CA GLY B 11 15.27 -0.20 -1.22
C GLY B 11 15.61 -1.45 -0.44
N SER B 12 14.59 -2.24 -0.12
CA SER B 12 14.79 -3.47 0.64
C SER B 12 14.83 -4.69 -0.29
N PRO B 13 15.97 -5.38 -0.29
CA PRO B 13 16.16 -6.57 -1.13
C PRO B 13 15.32 -7.75 -0.67
N GLY B 14 14.12 -7.88 -1.22
CA GLY B 14 13.24 -8.97 -0.85
C GLY B 14 11.83 -8.78 -1.36
N HIS B 15 11.12 -7.81 -0.79
CA HIS B 15 9.75 -7.53 -1.20
C HIS B 15 9.72 -6.51 -2.34
N TYR B 16 8.53 -6.30 -2.90
CA TYR B 16 8.37 -5.36 -4.01
C TYR B 16 7.53 -4.16 -3.58
N GLN B 17 7.44 -3.17 -4.47
CA GLN B 17 6.66 -1.96 -4.18
C GLN B 17 5.27 -2.32 -3.69
N ALA B 18 4.66 -3.30 -4.33
CA ALA B 18 3.32 -3.74 -3.95
C ALA B 18 3.28 -4.24 -2.51
N GLN B 19 4.41 -4.77 -2.05
CA GLN B 19 4.50 -5.28 -0.68
C GLN B 19 5.40 -4.40 0.16
N CYS B 20 5.62 -3.18 -0.30
CA CYS B 20 6.46 -2.24 0.44
C CYS B 20 5.67 -1.72 1.64
N PRO B 21 6.26 -1.90 2.83
CA PRO B 21 5.66 -1.48 4.09
C PRO B 21 5.62 0.04 4.23
N LYS B 22 6.35 0.73 3.36
CA LYS B 22 6.41 2.19 3.38
C LYS B 22 5.46 2.78 2.35
N LYS B 23 4.76 1.91 1.62
CA LYS B 23 3.82 2.35 0.61
C LYS B 23 2.43 2.58 1.21
N ARG B 24 2.00 3.84 1.22
CA ARG B 24 0.70 4.20 1.77
C ARG B 24 0.25 5.56 1.24
N LYS B 25 0.50 5.80 -0.04
CA LYS B 25 0.12 7.06 -0.67
C LYS B 25 0.68 8.26 0.11
N SER B 26 0.23 9.46 -0.26
CA SER B 26 0.69 10.67 0.40
C SER B 26 -0.32 11.13 1.45
N GLY B 27 -1.61 10.99 1.13
CA GLY B 27 -2.64 11.39 2.06
C GLY B 27 -2.82 12.91 2.10
N ASN B 28 -4.02 13.34 2.47
CA ASN B 28 -4.32 14.77 2.56
C ASN B 28 -5.29 15.05 3.69
N SER B 29 -4.95 14.62 4.90
CA SER B 29 -5.80 14.83 6.06
C SER B 29 -7.14 14.13 5.88
N ARG B 30 -7.10 12.80 5.77
CA ARG B 30 -8.31 12.02 5.59
C ARG B 30 -8.49 11.03 6.74
N GLU B 31 -9.49 10.17 6.62
CA GLU B 31 -9.77 9.18 7.65
C GLU B 31 -9.48 7.77 7.15
N ARG B 32 -8.47 7.14 7.73
CA ARG B 32 -8.07 5.79 7.35
C ARG B 32 -8.59 4.76 8.35
N CYS B 33 -8.42 3.49 8.03
CA CYS B 33 -8.88 2.43 8.91
C CYS B 33 -7.68 1.53 9.22
N GLN B 34 -7.33 1.48 10.50
CA GLN B 34 -6.21 0.67 10.97
C GLN B 34 -6.69 -0.69 11.47
N LEU B 35 -7.79 -1.16 10.90
CA LEU B 35 -8.37 -2.45 11.28
C LEU B 35 -8.57 -3.34 10.06
N CYS B 36 -8.93 -2.73 8.94
CA CYS B 36 -9.14 -3.48 7.72
C CYS B 36 -8.37 -2.80 6.59
N ASN B 37 -7.47 -1.90 6.99
CA ASN B 37 -6.65 -1.16 6.04
C ASN B 37 -7.52 -0.34 5.10
N GLY B 38 -8.75 -0.08 5.51
CA GLY B 38 -9.66 0.70 4.69
C GLY B 38 -9.21 2.12 4.51
N MET B 39 -9.72 2.78 3.46
CA MET B 39 -9.36 4.16 3.18
C MET B 39 -10.59 5.03 3.05
N GLY B 40 -10.96 5.71 4.13
CA GLY B 40 -12.13 6.57 4.12
C GLY B 40 -12.82 6.63 5.46
N HIS B 41 -13.21 5.47 5.98
CA HIS B 41 -13.89 5.40 7.27
C HIS B 41 -12.88 5.32 8.41
N ASN B 42 -13.38 5.13 9.63
CA ASN B 42 -12.53 5.02 10.80
C ASN B 42 -12.67 3.66 11.46
N ALA B 43 -11.58 3.18 12.06
CA ALA B 43 -11.58 1.89 12.72
C ALA B 43 -12.72 1.79 13.74
N LYS B 44 -12.87 2.83 14.54
CA LYS B 44 -13.92 2.86 15.57
C LYS B 44 -15.29 2.59 14.94
N GLN B 45 -15.43 2.92 13.66
CA GLN B 45 -16.68 2.71 12.94
C GLN B 45 -16.63 1.42 12.12
N CYS B 46 -15.42 0.93 11.88
CA CYS B 46 -15.26 -0.29 11.11
C CYS B 46 -15.85 -1.45 11.91
N ARG B 47 -16.99 -1.93 11.44
CA ARG B 47 -17.69 -3.04 12.08
C ARG B 47 -17.25 -4.38 11.50
N LYS B 48 -17.93 -5.45 11.89
CA LYS B 48 -17.61 -6.78 11.40
C LYS B 48 -18.69 -7.79 11.83
N ARG B 49 -18.84 -8.85 11.04
CA ARG B 49 -19.83 -9.87 11.34
C ARG B 49 -19.59 -11.11 10.47
N ASP B 50 -19.26 -10.88 9.21
CA ASP B 50 -19.01 -11.98 8.28
C ASP B 50 -18.58 -11.46 6.91
ZN ZN C . 9.95 -1.60 0.02
ZN ZN D . -12.23 -0.58 8.09
N GLY B 1 16.53 -3.81 -18.06
CA GLY B 1 17.01 -5.14 -17.74
C GLY B 1 16.19 -5.82 -16.67
N ARG B 2 16.72 -6.89 -16.10
CA ARG B 2 16.03 -7.64 -15.05
C ARG B 2 16.64 -7.37 -13.68
N ALA B 3 16.07 -6.42 -12.96
CA ALA B 3 16.56 -6.05 -11.63
C ALA B 3 15.81 -6.82 -10.55
N ARG B 4 15.19 -7.93 -10.93
CA ARG B 4 14.44 -8.75 -9.99
C ARG B 4 15.25 -9.02 -8.73
N GLY B 5 14.63 -8.80 -7.57
CA GLY B 5 15.32 -9.03 -6.31
C GLY B 5 15.66 -7.74 -5.60
N LEU B 6 15.87 -6.67 -6.37
CA LEU B 6 16.20 -5.37 -5.80
C LEU B 6 15.06 -4.38 -5.99
N CYS B 7 14.54 -3.86 -4.88
CA CYS B 7 13.45 -2.91 -4.94
C CYS B 7 13.98 -1.61 -5.55
N TYR B 8 13.08 -0.90 -6.22
CA TYR B 8 13.43 0.36 -6.86
C TYR B 8 12.69 1.52 -6.22
N THR B 9 11.55 1.23 -5.61
CA THR B 9 10.74 2.24 -4.94
C THR B 9 11.50 2.85 -3.77
N CYS B 10 12.12 2.00 -2.97
CA CYS B 10 12.87 2.47 -1.81
C CYS B 10 14.35 2.21 -2.06
N GLY B 11 14.63 1.06 -2.68
CA GLY B 11 15.99 0.69 -2.98
C GLY B 11 16.54 -0.35 -2.01
N SER B 12 15.66 -1.26 -1.56
CA SER B 12 16.06 -2.30 -0.64
C SER B 12 16.33 -3.61 -1.37
N PRO B 13 17.57 -4.11 -1.24
CA PRO B 13 17.98 -5.37 -1.88
C PRO B 13 17.31 -6.59 -1.26
N GLY B 14 16.17 -6.98 -1.83
CA GLY B 14 15.45 -8.14 -1.31
C GLY B 14 14.05 -8.22 -1.86
N HIS B 15 13.20 -7.29 -1.45
CA HIS B 15 11.80 -7.26 -1.91
C HIS B 15 11.66 -6.41 -3.17
N TYR B 16 10.42 -6.19 -3.58
CA TYR B 16 10.14 -5.39 -4.77
C TYR B 16 9.00 -4.40 -4.51
N GLN B 17 8.71 -3.58 -5.51
CA GLN B 17 7.66 -2.58 -5.39
C GLN B 17 6.36 -3.22 -4.89
N ALA B 18 6.02 -4.37 -5.44
CA ALA B 18 4.81 -5.09 -5.05
C ALA B 18 4.81 -5.37 -3.55
N GLN B 19 5.99 -5.45 -2.97
CA GLN B 19 6.13 -5.72 -1.54
C GLN B 19 6.96 -4.65 -0.85
N CYS B 20 6.89 -3.43 -1.37
CA CYS B 20 7.64 -2.33 -0.80
C CYS B 20 6.85 -1.76 0.38
N PRO B 21 7.50 -1.80 1.55
CA PRO B 21 6.90 -1.31 2.80
C PRO B 21 6.75 0.21 2.81
N LYS B 22 7.43 0.87 1.87
CA LYS B 22 7.37 2.33 1.77
C LYS B 22 6.35 2.76 0.74
N LYS B 23 5.68 1.79 0.12
CA LYS B 23 4.67 2.07 -0.89
C LYS B 23 3.64 3.07 -0.37
N ARG B 24 3.01 3.79 -1.28
CA ARG B 24 2.01 4.79 -0.91
C ARG B 24 0.95 4.17 0.00
N LYS B 25 0.93 4.61 1.26
CA LYS B 25 -0.03 4.10 2.24
C LYS B 25 -0.27 5.13 3.33
N SER B 26 -1.45 5.05 3.96
CA SER B 26 -1.81 5.98 5.02
C SER B 26 -3.20 5.66 5.57
N GLY B 27 -3.29 5.53 6.89
CA GLY B 27 -4.56 5.23 7.52
C GLY B 27 -4.43 4.95 9.00
N ASN B 28 -5.54 4.59 9.63
CA ASN B 28 -5.54 4.28 11.06
C ASN B 28 -6.34 3.02 11.35
N SER B 29 -6.06 2.39 12.48
CA SER B 29 -6.76 1.17 12.88
C SER B 29 -7.02 1.15 14.38
N ARG B 30 -7.98 0.34 14.81
CA ARG B 30 -8.34 0.23 16.21
C ARG B 30 -8.83 -1.16 16.54
N GLU B 31 -8.15 -1.83 17.46
CA GLU B 31 -8.52 -3.19 17.87
C GLU B 31 -8.57 -4.12 16.66
N ARG B 32 -7.44 -4.76 16.37
CA ARG B 32 -7.36 -5.68 15.24
C ARG B 32 -7.39 -7.13 15.72
N CYS B 33 -7.44 -8.06 14.77
CA CYS B 33 -7.46 -9.47 15.11
C CYS B 33 -6.31 -10.16 14.39
N GLN B 34 -5.39 -10.70 15.18
CA GLN B 34 -4.22 -11.39 14.62
C GLN B 34 -4.48 -12.90 14.54
N LEU B 35 -5.75 -13.27 14.38
CA LEU B 35 -6.12 -14.68 14.29
C LEU B 35 -6.92 -14.94 13.01
N CYS B 36 -7.74 -13.98 12.63
CA CYS B 36 -8.56 -14.12 11.43
C CYS B 36 -8.37 -12.86 10.58
N ASN B 37 -7.36 -12.08 10.93
CA ASN B 37 -7.05 -10.85 10.21
C ASN B 37 -8.23 -9.89 10.28
N GLY B 38 -9.11 -10.09 11.27
CA GLY B 38 -10.27 -9.23 11.43
C GLY B 38 -9.89 -7.81 11.81
N MET B 39 -10.78 -6.88 11.53
CA MET B 39 -10.53 -5.47 11.85
C MET B 39 -11.65 -4.91 12.72
N GLY B 40 -11.41 -4.87 14.04
CA GLY B 40 -12.41 -4.35 14.95
C GLY B 40 -12.37 -5.05 16.30
N HIS B 41 -12.55 -6.37 16.29
CA HIS B 41 -12.54 -7.16 17.52
C HIS B 41 -11.11 -7.55 17.89
N ASN B 42 -10.99 -8.38 18.92
CA ASN B 42 -9.68 -8.84 19.38
C ASN B 42 -9.55 -10.35 19.24
N ALA B 43 -8.32 -10.82 19.03
CA ALA B 43 -8.07 -12.24 18.87
C ALA B 43 -8.55 -13.02 20.10
N LYS B 44 -8.38 -12.43 21.27
CA LYS B 44 -8.78 -13.06 22.52
C LYS B 44 -10.29 -13.30 22.54
N GLN B 45 -11.01 -12.54 21.71
CA GLN B 45 -12.47 -12.67 21.63
C GLN B 45 -12.89 -13.17 20.26
N CYS B 46 -11.93 -13.65 19.49
CA CYS B 46 -12.22 -14.16 18.16
C CYS B 46 -12.52 -15.65 18.26
N ARG B 47 -13.53 -16.07 17.51
CA ARG B 47 -13.94 -17.48 17.50
C ARG B 47 -14.43 -17.91 18.88
N LYS B 48 -15.12 -19.04 18.93
CA LYS B 48 -15.64 -19.57 20.19
C LYS B 48 -14.50 -19.90 21.15
N ARG B 49 -14.85 -20.26 22.38
CA ARG B 49 -13.85 -20.59 23.39
C ARG B 49 -12.98 -19.39 23.70
N ASP B 50 -13.26 -18.73 24.82
CA ASP B 50 -12.49 -17.57 25.24
C ASP B 50 -11.21 -17.99 25.95
ZN ZN C . 11.00 -1.29 -1.43
ZN ZN D . -10.94 -12.38 14.49
N GLY B 1 16.80 -4.03 -19.59
CA GLY B 1 17.01 -4.03 -18.15
C GLY B 1 15.78 -4.49 -17.39
N ARG B 2 15.90 -5.62 -16.69
CA ARG B 2 14.79 -6.17 -15.92
C ARG B 2 14.84 -5.68 -14.48
N ALA B 3 15.97 -5.89 -13.83
CA ALA B 3 16.16 -5.47 -12.44
C ALA B 3 15.18 -6.20 -11.51
N ARG B 4 14.60 -7.29 -12.02
CA ARG B 4 13.65 -8.06 -11.23
C ARG B 4 14.23 -8.42 -9.86
N GLY B 5 13.46 -8.16 -8.82
CA GLY B 5 13.92 -8.45 -7.47
C GLY B 5 14.30 -7.21 -6.70
N LEU B 6 14.74 -6.18 -7.42
CA LEU B 6 15.14 -4.93 -6.80
C LEU B 6 13.98 -3.95 -6.75
N CYS B 7 13.52 -3.65 -5.54
CA CYS B 7 12.41 -2.73 -5.38
C CYS B 7 12.91 -1.32 -5.68
N TYR B 8 12.01 -0.51 -6.24
CA TYR B 8 12.33 0.87 -6.60
C TYR B 8 11.58 1.85 -5.72
N THR B 9 10.45 1.41 -5.17
CA THR B 9 9.63 2.25 -4.30
C THR B 9 10.37 2.58 -3.01
N CYS B 10 11.06 1.60 -2.46
CA CYS B 10 11.81 1.81 -1.23
C CYS B 10 13.30 1.70 -1.55
N GLY B 11 13.62 0.76 -2.42
CA GLY B 11 15.01 0.55 -2.81
C GLY B 11 15.64 -0.63 -2.11
N SER B 12 14.86 -1.70 -1.93
CA SER B 12 15.34 -2.90 -1.27
C SER B 12 15.06 -4.13 -2.11
N PRO B 13 16.11 -4.96 -2.32
CA PRO B 13 16.00 -6.19 -3.11
C PRO B 13 15.17 -7.26 -2.41
N GLY B 14 14.85 -8.33 -3.12
CA GLY B 14 14.07 -9.41 -2.56
C GLY B 14 12.59 -9.27 -2.84
N HIS B 15 12.17 -8.05 -3.21
CA HIS B 15 10.77 -7.79 -3.51
C HIS B 15 10.64 -6.61 -4.46
N TYR B 16 9.42 -6.37 -4.95
CA TYR B 16 9.16 -5.28 -5.87
C TYR B 16 8.04 -4.38 -5.35
N GLN B 17 7.73 -3.33 -6.10
CA GLN B 17 6.69 -2.39 -5.72
C GLN B 17 5.42 -3.12 -5.30
N ALA B 18 5.05 -4.14 -6.08
CA ALA B 18 3.85 -4.93 -5.80
C ALA B 18 3.91 -5.54 -4.41
N GLN B 19 5.12 -5.85 -3.96
CA GLN B 19 5.32 -6.44 -2.64
C GLN B 19 6.14 -5.52 -1.74
N CYS B 20 6.04 -4.22 -1.98
CA CYS B 20 6.78 -3.26 -1.19
C CYS B 20 6.06 -3.08 0.15
N PRO B 21 6.83 -3.30 1.23
CA PRO B 21 6.32 -3.18 2.60
C PRO B 21 6.02 -1.73 2.98
N LYS B 22 6.45 -0.80 2.14
CA LYS B 22 6.22 0.62 2.38
C LYS B 22 5.05 1.14 1.56
N LYS B 23 4.45 0.25 0.77
CA LYS B 23 3.32 0.61 -0.07
C LYS B 23 2.17 1.18 0.76
N ARG B 24 2.06 2.50 0.76
CA ARG B 24 1.00 3.17 1.52
C ARG B 24 -0.38 2.68 1.08
N LYS B 25 -1.34 2.75 2.00
CA LYS B 25 -2.71 2.31 1.71
C LYS B 25 -3.65 2.69 2.84
N SER B 26 -3.27 2.34 4.06
CA SER B 26 -4.09 2.64 5.23
C SER B 26 -3.32 2.32 6.52
N GLY B 27 -3.83 2.86 7.64
CA GLY B 27 -3.18 2.61 8.91
C GLY B 27 -4.00 1.70 9.81
N ASN B 28 -5.21 2.14 10.15
CA ASN B 28 -6.09 1.36 11.01
C ASN B 28 -5.45 1.11 12.38
N SER B 29 -6.16 0.41 13.24
CA SER B 29 -5.66 0.11 14.57
C SER B 29 -6.44 -1.05 15.20
N ARG B 30 -6.21 -2.26 14.68
CA ARG B 30 -6.89 -3.45 15.19
C ARG B 30 -6.03 -4.69 14.99
N GLU B 31 -6.12 -5.62 15.93
CA GLU B 31 -5.36 -6.86 15.86
C GLU B 31 -5.66 -7.62 14.56
N ARG B 32 -4.67 -7.66 13.67
CA ARG B 32 -4.83 -8.35 12.40
C ARG B 32 -4.16 -9.72 12.43
N CYS B 33 -4.35 -10.49 11.37
CA CYS B 33 -3.76 -11.82 11.29
C CYS B 33 -2.93 -11.90 10.01
N GLN B 34 -1.64 -12.09 10.19
CA GLN B 34 -0.70 -12.20 9.06
C GLN B 34 -0.48 -13.64 8.68
N LEU B 35 -1.47 -14.49 8.92
CA LEU B 35 -1.38 -15.91 8.60
C LEU B 35 -2.55 -16.35 7.72
N CYS B 36 -3.72 -15.78 7.98
CA CYS B 36 -4.90 -16.12 7.22
C CYS B 36 -5.56 -14.81 6.74
N ASN B 37 -4.80 -13.73 6.85
CA ASN B 37 -5.27 -12.41 6.44
C ASN B 37 -6.52 -12.02 7.23
N GLY B 38 -6.72 -12.67 8.39
CA GLY B 38 -7.87 -12.37 9.21
C GLY B 38 -7.83 -10.97 9.78
N MET B 39 -9.00 -10.44 10.14
CA MET B 39 -9.11 -9.10 10.70
C MET B 39 -9.79 -9.13 12.06
N GLY B 40 -8.98 -9.11 13.12
CA GLY B 40 -9.53 -9.14 14.46
C GLY B 40 -8.65 -9.88 15.44
N HIS B 41 -8.37 -11.15 15.13
CA HIS B 41 -7.53 -11.98 15.99
C HIS B 41 -6.06 -11.81 15.64
N ASN B 42 -5.20 -12.60 16.27
CA ASN B 42 -3.77 -12.54 16.02
C ASN B 42 -3.26 -13.86 15.45
N ALA B 43 -2.19 -13.78 14.66
CA ALA B 43 -1.60 -14.97 14.05
C ALA B 43 -1.17 -15.98 15.12
N LYS B 44 -0.70 -15.46 16.26
CA LYS B 44 -0.26 -16.31 17.35
C LYS B 44 -1.42 -17.16 17.89
N GLN B 45 -2.64 -16.70 17.65
CA GLN B 45 -3.83 -17.41 18.10
C GLN B 45 -4.65 -17.90 16.92
N CYS B 46 -4.05 -17.89 15.74
CA CYS B 46 -4.74 -18.34 14.54
C CYS B 46 -4.45 -19.82 14.34
N ARG B 47 -5.50 -20.57 14.00
CA ARG B 47 -5.38 -22.01 13.78
C ARG B 47 -4.70 -22.69 14.96
N LYS B 48 -5.31 -22.58 16.14
CA LYS B 48 -4.77 -23.19 17.34
C LYS B 48 -5.86 -23.85 18.17
N ARG B 49 -5.49 -24.84 18.97
CA ARG B 49 -6.45 -25.54 19.81
C ARG B 49 -5.77 -26.04 21.09
N ASP B 50 -5.83 -25.20 22.14
CA ASP B 50 -5.23 -25.54 23.42
C ASP B 50 -3.75 -25.84 23.26
ZN ZN C . 10.00 -2.07 -1.57
ZN ZN D . -5.99 -15.82 11.32
N GLY B 1 15.45 -0.80 -18.84
CA GLY B 1 15.69 -2.22 -19.01
C GLY B 1 14.92 -3.07 -18.01
N ARG B 2 15.07 -4.37 -18.11
CA ARG B 2 14.38 -5.30 -17.22
C ARG B 2 14.63 -4.93 -15.76
N ALA B 3 15.86 -5.16 -15.30
CA ALA B 3 16.23 -4.85 -13.92
C ALA B 3 15.45 -5.72 -12.94
N ARG B 4 14.83 -6.77 -13.45
CA ARG B 4 14.06 -7.68 -12.62
C ARG B 4 14.87 -8.16 -11.41
N GLY B 5 14.30 -8.02 -10.22
CA GLY B 5 15.00 -8.44 -9.02
C GLY B 5 15.52 -7.27 -8.21
N LEU B 6 15.81 -6.16 -8.90
CA LEU B 6 16.33 -4.97 -8.23
C LEU B 6 15.23 -3.92 -8.09
N CYS B 7 15.00 -3.49 -6.85
CA CYS B 7 13.99 -2.48 -6.59
C CYS B 7 14.50 -1.13 -7.09
N TYR B 8 13.56 -0.29 -7.49
CA TYR B 8 13.89 1.04 -8.00
C TYR B 8 13.33 2.13 -7.09
N THR B 9 12.28 1.78 -6.34
CA THR B 9 11.66 2.73 -5.42
C THR B 9 12.61 3.13 -4.30
N CYS B 10 13.31 2.14 -3.75
CA CYS B 10 14.26 2.41 -2.68
C CYS B 10 15.67 2.14 -3.21
N GLY B 11 15.78 1.10 -4.02
CA GLY B 11 17.06 0.73 -4.59
C GLY B 11 17.68 -0.46 -3.90
N SER B 12 16.84 -1.40 -3.46
CA SER B 12 17.31 -2.59 -2.78
C SER B 12 17.38 -3.78 -3.73
N PRO B 13 18.59 -4.33 -3.91
CA PRO B 13 18.81 -5.48 -4.80
C PRO B 13 18.19 -6.77 -4.25
N GLY B 14 16.95 -7.04 -4.66
CA GLY B 14 16.28 -8.24 -4.20
C GLY B 14 14.79 -8.20 -4.49
N HIS B 15 14.08 -7.30 -3.82
CA HIS B 15 12.64 -7.17 -4.01
C HIS B 15 12.33 -6.13 -5.08
N TYR B 16 11.05 -5.81 -5.23
CA TYR B 16 10.61 -4.83 -6.22
C TYR B 16 9.61 -3.85 -5.61
N GLN B 17 9.18 -2.88 -6.41
CA GLN B 17 8.22 -1.88 -5.96
C GLN B 17 7.01 -2.56 -5.31
N ALA B 18 6.52 -3.62 -5.93
CA ALA B 18 5.37 -4.35 -5.40
C ALA B 18 5.63 -4.83 -3.98
N GLN B 19 6.90 -5.09 -3.67
CA GLN B 19 7.28 -5.56 -2.35
C GLN B 19 8.24 -4.58 -1.67
N CYS B 20 8.12 -3.31 -2.03
CA CYS B 20 8.99 -2.30 -1.46
C CYS B 20 8.38 -1.85 -0.12
N PRO B 21 9.20 -1.95 0.93
CA PRO B 21 8.78 -1.57 2.29
C PRO B 21 8.63 -0.06 2.44
N LYS B 22 9.11 0.68 1.45
CA LYS B 22 9.02 2.14 1.48
C LYS B 22 7.85 2.63 0.63
N LYS B 23 7.12 1.69 0.05
CA LYS B 23 5.96 2.01 -0.78
C LYS B 23 5.01 2.96 -0.05
N ARG B 24 5.04 4.23 -0.43
CA ARG B 24 4.18 5.23 0.20
C ARG B 24 4.45 5.32 1.70
N LYS B 25 5.53 5.99 2.06
CA LYS B 25 5.90 6.15 3.46
C LYS B 25 5.14 7.30 4.11
N SER B 26 5.39 8.51 3.62
CA SER B 26 4.72 9.70 4.15
C SER B 26 3.27 9.75 3.69
N GLY B 27 2.49 10.60 4.34
CA GLY B 27 1.08 10.73 3.99
C GLY B 27 0.17 10.78 5.20
N ASN B 28 -0.54 11.88 5.37
CA ASN B 28 -1.44 12.05 6.51
C ASN B 28 -2.88 11.73 6.11
N SER B 29 -3.38 10.59 6.56
CA SER B 29 -4.73 10.17 6.24
C SER B 29 -5.56 10.01 7.51
N ARG B 30 -4.93 9.51 8.56
CA ARG B 30 -5.61 9.32 9.84
C ARG B 30 -6.88 8.49 9.65
N GLU B 31 -6.84 7.55 8.73
CA GLU B 31 -7.99 6.70 8.45
C GLU B 31 -7.56 5.38 7.80
N ARG B 32 -6.37 4.92 8.17
CA ARG B 32 -5.83 3.68 7.63
C ARG B 32 -5.99 2.53 8.62
N CYS B 33 -5.68 1.32 8.17
CA CYS B 33 -5.79 0.15 9.04
C CYS B 33 -4.42 -0.53 9.09
N GLN B 34 -3.86 -0.57 10.29
CA GLN B 34 -2.56 -1.19 10.50
C GLN B 34 -2.71 -2.63 10.97
N LEU B 35 -3.80 -3.27 10.56
CA LEU B 35 -4.08 -4.65 10.93
C LEU B 35 -4.32 -5.51 9.70
N CYS B 36 -4.97 -4.92 8.70
CA CYS B 36 -5.26 -5.64 7.47
C CYS B 36 -4.82 -4.78 6.30
N ASN B 37 -4.02 -3.77 6.61
CA ASN B 37 -3.51 -2.85 5.59
C ASN B 37 -4.65 -2.16 4.86
N GLY B 38 -5.82 -2.14 5.48
CA GLY B 38 -6.98 -1.51 4.88
C GLY B 38 -6.80 -0.01 4.73
N MET B 39 -7.57 0.59 3.81
CA MET B 39 -7.50 2.03 3.58
C MET B 39 -8.87 2.67 3.72
N GLY B 40 -9.13 3.25 4.89
CA GLY B 40 -10.41 3.89 5.13
C GLY B 40 -10.87 3.76 6.57
N HIS B 41 -10.98 2.53 7.05
CA HIS B 41 -11.40 2.27 8.42
C HIS B 41 -10.21 2.29 9.37
N ASN B 42 -10.46 1.94 10.63
CA ASN B 42 -9.41 1.92 11.64
C ASN B 42 -9.21 0.51 12.19
N ALA B 43 -7.99 0.22 12.64
CA ALA B 43 -7.67 -1.09 13.19
C ALA B 43 -8.57 -1.42 14.37
N LYS B 44 -8.88 -0.40 15.17
CA LYS B 44 -9.74 -0.58 16.34
C LYS B 44 -11.13 -1.04 15.93
N GLN B 45 -11.49 -0.79 14.68
CA GLN B 45 -12.79 -1.18 14.16
C GLN B 45 -12.66 -2.19 13.03
N CYS B 46 -11.47 -2.79 12.93
CA CYS B 46 -11.22 -3.77 11.90
C CYS B 46 -11.62 -5.15 12.42
N ARG B 47 -12.59 -5.76 11.75
CA ARG B 47 -13.08 -7.07 12.13
C ARG B 47 -12.09 -8.17 11.71
N LYS B 48 -12.28 -9.36 12.26
CA LYS B 48 -11.41 -10.50 11.95
C LYS B 48 -12.14 -11.51 11.06
N ARG B 49 -13.17 -12.12 11.62
CA ARG B 49 -13.95 -13.12 10.89
C ARG B 49 -15.19 -13.53 11.69
N ASP B 50 -14.97 -14.32 12.73
CA ASP B 50 -16.06 -14.78 13.58
C ASP B 50 -15.55 -15.24 14.94
ZN ZN C . 12.28 -1.31 -2.52
ZN ZN D . -8.68 -3.36 8.56
N GLY B 1 16.98 -6.86 -18.73
CA GLY B 1 17.15 -5.96 -17.60
C GLY B 1 16.27 -6.34 -16.42
N ARG B 2 16.58 -7.47 -15.79
CA ARG B 2 15.81 -7.94 -14.64
C ARG B 2 16.28 -7.26 -13.36
N ALA B 3 15.34 -7.03 -12.44
CA ALA B 3 15.66 -6.39 -11.18
C ALA B 3 14.75 -6.90 -10.06
N ARG B 4 14.11 -8.04 -10.30
CA ARG B 4 13.22 -8.64 -9.32
C ARG B 4 13.91 -8.76 -7.96
N GLY B 5 13.19 -8.38 -6.91
CA GLY B 5 13.74 -8.44 -5.56
C GLY B 5 14.30 -7.12 -5.10
N LEU B 6 14.64 -6.26 -6.05
CA LEU B 6 15.20 -4.94 -5.73
C LEU B 6 14.18 -3.85 -6.02
N CYS B 7 13.86 -3.05 -5.00
CA CYS B 7 12.91 -1.97 -5.15
C CYS B 7 13.54 -0.90 -6.03
N TYR B 8 12.69 -0.18 -6.76
CA TYR B 8 13.14 0.88 -7.65
C TYR B 8 12.61 2.24 -7.19
N THR B 9 11.50 2.21 -6.45
CA THR B 9 10.89 3.44 -5.95
C THR B 9 11.80 4.13 -4.94
N CYS B 10 12.38 3.35 -4.04
CA CYS B 10 13.27 3.90 -3.03
C CYS B 10 14.70 3.42 -3.32
N GLY B 11 14.79 2.17 -3.77
CA GLY B 11 16.08 1.59 -4.09
C GLY B 11 16.58 0.65 -3.00
N SER B 12 15.67 -0.06 -2.36
CA SER B 12 16.02 -0.98 -1.29
C SER B 12 16.05 -2.42 -1.80
N PRO B 13 17.22 -3.06 -1.71
CA PRO B 13 17.41 -4.44 -2.16
C PRO B 13 16.70 -5.44 -1.27
N GLY B 14 15.48 -5.81 -1.66
CA GLY B 14 14.70 -6.76 -0.89
C GLY B 14 13.24 -6.76 -1.27
N HIS B 15 12.55 -5.65 -1.02
CA HIS B 15 11.13 -5.53 -1.35
C HIS B 15 10.95 -4.89 -2.71
N TYR B 16 9.70 -4.62 -3.06
CA TYR B 16 9.37 -4.00 -4.35
C TYR B 16 8.42 -2.82 -4.16
N GLN B 17 8.11 -2.14 -5.27
CA GLN B 17 7.21 -0.99 -5.22
C GLN B 17 5.91 -1.35 -4.52
N ALA B 18 5.38 -2.53 -4.82
CA ALA B 18 4.14 -2.99 -4.21
C ALA B 18 4.26 -3.06 -2.70
N GLN B 19 5.50 -3.19 -2.21
CA GLN B 19 5.75 -3.27 -0.77
C GLN B 19 6.72 -2.18 -0.33
N CYS B 20 6.74 -1.08 -1.08
CA CYS B 20 7.63 0.01 -0.76
C CYS B 20 6.98 0.86 0.34
N PRO B 21 7.72 1.02 1.44
CA PRO B 21 7.25 1.80 2.60
C PRO B 21 7.18 3.29 2.31
N LYS B 22 7.76 3.70 1.19
CA LYS B 22 7.76 5.10 0.79
C LYS B 22 6.66 5.36 -0.24
N LYS B 23 5.91 4.33 -0.59
CA LYS B 23 4.83 4.46 -1.55
C LYS B 23 3.89 5.60 -1.18
N ARG B 24 3.25 5.48 -0.03
CA ARG B 24 2.33 6.51 0.44
C ARG B 24 1.20 6.73 -0.56
N LYS B 25 0.35 7.72 -0.28
CA LYS B 25 -0.76 8.04 -1.16
C LYS B 25 -0.38 9.14 -2.14
N SER B 26 -0.78 8.98 -3.40
CA SER B 26 -0.48 9.95 -4.44
C SER B 26 -1.15 9.58 -5.76
N GLY B 27 -1.96 10.49 -6.28
CA GLY B 27 -2.65 10.25 -7.53
C GLY B 27 -1.98 10.91 -8.71
N ASN B 28 -2.50 10.66 -9.91
CA ASN B 28 -1.95 11.24 -11.12
C ASN B 28 -2.80 10.90 -12.33
N SER B 29 -2.63 11.65 -13.41
CA SER B 29 -3.40 11.43 -14.64
C SER B 29 -4.89 11.60 -14.37
N ARG B 30 -5.68 11.51 -15.45
CA ARG B 30 -7.12 11.65 -15.34
C ARG B 30 -7.80 11.34 -16.67
N GLU B 31 -7.33 10.29 -17.33
CA GLU B 31 -7.89 9.89 -18.62
C GLU B 31 -8.23 8.40 -18.63
N ARG B 32 -7.19 7.57 -18.55
CA ARG B 32 -7.39 6.12 -18.55
C ARG B 32 -7.33 5.56 -17.13
N CYS B 33 -7.72 4.31 -16.97
CA CYS B 33 -7.71 3.69 -15.67
C CYS B 33 -6.76 2.49 -15.72
N GLN B 34 -5.72 2.56 -14.90
CA GLN B 34 -4.72 1.50 -14.83
C GLN B 34 -5.04 0.52 -13.70
N LEU B 35 -6.33 0.35 -13.42
CA LEU B 35 -6.76 -0.56 -12.37
C LEU B 35 -7.83 -1.52 -12.88
N CYS B 36 -8.69 -1.02 -13.77
CA CYS B 36 -9.73 -1.85 -14.34
C CYS B 36 -9.72 -1.69 -15.86
N ASN B 37 -8.62 -1.13 -16.35
CA ASN B 37 -8.44 -0.91 -17.77
C ASN B 37 -9.54 -0.01 -18.32
N GLY B 38 -10.18 0.74 -17.44
CA GLY B 38 -11.24 1.63 -17.85
C GLY B 38 -10.76 2.73 -18.78
N MET B 39 -11.69 3.33 -19.52
CA MET B 39 -11.34 4.40 -20.45
C MET B 39 -12.18 5.64 -20.18
N GLY B 40 -11.63 6.57 -19.41
CA GLY B 40 -12.34 7.80 -19.10
C GLY B 40 -12.01 8.32 -17.71
N HIS B 41 -12.23 7.50 -16.70
CA HIS B 41 -11.96 7.89 -15.32
C HIS B 41 -10.51 7.59 -14.96
N ASN B 42 -10.17 7.77 -13.68
CA ASN B 42 -8.82 7.52 -13.20
C ASN B 42 -8.81 6.45 -12.12
N ALA B 43 -7.68 5.75 -12.00
CA ALA B 43 -7.55 4.70 -11.00
C ALA B 43 -7.84 5.22 -9.60
N LYS B 44 -7.33 6.41 -9.30
CA LYS B 44 -7.54 7.02 -8.00
C LYS B 44 -9.02 7.24 -7.73
N GLN B 45 -9.81 7.30 -8.80
CA GLN B 45 -11.25 7.51 -8.69
C GLN B 45 -12.01 6.36 -9.33
N CYS B 46 -11.38 5.20 -9.39
CA CYS B 46 -12.02 4.03 -9.98
C CYS B 46 -12.95 3.41 -8.93
N ARG B 47 -14.19 3.89 -8.93
CA ARG B 47 -15.20 3.41 -8.00
C ARG B 47 -16.53 4.11 -8.21
N LYS B 48 -16.48 5.43 -8.32
CA LYS B 48 -17.68 6.23 -8.53
C LYS B 48 -18.41 5.80 -9.80
N ARG B 49 -19.53 6.45 -10.09
CA ARG B 49 -20.30 6.13 -11.28
C ARG B 49 -20.77 7.42 -11.98
N ASP B 50 -21.08 7.29 -13.28
CA ASP B 50 -21.54 8.44 -14.05
C ASP B 50 -22.53 8.00 -15.13
ZN ZN C . 11.03 0.51 -1.84
ZN ZN D . -11.32 1.98 -13.39
N GLY B 1 17.28 -5.96 -15.99
CA GLY B 1 17.47 -7.40 -16.05
C GLY B 1 16.70 -8.14 -14.96
N ARG B 2 15.38 -8.17 -15.11
CA ARG B 2 14.52 -8.84 -14.14
C ARG B 2 14.51 -8.09 -12.81
N ALA B 3 15.60 -8.21 -12.05
CA ALA B 3 15.71 -7.53 -10.76
C ALA B 3 14.65 -8.04 -9.79
N ARG B 4 14.05 -9.17 -10.11
CA ARG B 4 13.01 -9.76 -9.26
C ARG B 4 13.53 -9.96 -7.84
N GLY B 5 12.77 -9.49 -6.86
CA GLY B 5 13.16 -9.62 -5.47
C GLY B 5 13.83 -8.37 -4.93
N LEU B 6 14.38 -7.57 -5.83
CA LEU B 6 15.06 -6.34 -5.44
C LEU B 6 14.16 -5.13 -5.68
N CYS B 7 13.84 -4.41 -4.61
CA CYS B 7 13.00 -3.24 -4.72
C CYS B 7 13.77 -2.16 -5.48
N TYR B 8 13.01 -1.33 -6.18
CA TYR B 8 13.59 -0.25 -6.97
C TYR B 8 13.17 1.12 -6.43
N THR B 9 12.04 1.15 -5.74
CA THR B 9 11.53 2.38 -5.16
C THR B 9 12.45 2.91 -4.07
N CYS B 10 12.92 2.01 -3.21
CA CYS B 10 13.82 2.41 -2.14
C CYS B 10 15.19 1.81 -2.42
N GLY B 11 15.19 0.59 -2.95
CA GLY B 11 16.43 -0.09 -3.28
C GLY B 11 16.79 -1.15 -2.24
N SER B 12 15.78 -1.80 -1.69
CA SER B 12 16.00 -2.83 -0.68
C SER B 12 15.93 -4.22 -1.31
N PRO B 13 17.05 -4.96 -1.22
CA PRO B 13 17.14 -6.32 -1.78
C PRO B 13 16.30 -7.32 -0.99
N GLY B 14 15.05 -7.50 -1.40
CA GLY B 14 14.18 -8.42 -0.72
C GLY B 14 12.73 -8.28 -1.16
N HIS B 15 12.14 -7.12 -0.89
CA HIS B 15 10.75 -6.86 -1.26
C HIS B 15 10.67 -6.09 -2.58
N TYR B 16 9.47 -5.69 -2.95
CA TYR B 16 9.27 -4.96 -4.20
C TYR B 16 8.41 -3.71 -3.96
N GLN B 17 8.22 -2.92 -5.02
CA GLN B 17 7.44 -1.70 -4.92
C GLN B 17 6.07 -1.98 -4.29
N ALA B 18 5.45 -3.07 -4.70
CA ALA B 18 4.15 -3.45 -4.17
C ALA B 18 4.20 -3.64 -2.66
N GLN B 19 5.39 -3.95 -2.15
CA GLN B 19 5.56 -4.16 -0.72
C GLN B 19 6.61 -3.20 -0.16
N CYS B 20 6.78 -2.06 -0.82
CA CYS B 20 7.74 -1.07 -0.38
C CYS B 20 7.11 -0.25 0.76
N PRO B 21 7.81 -0.23 1.90
CA PRO B 21 7.37 0.49 3.09
C PRO B 21 7.44 2.01 2.90
N LYS B 22 8.12 2.44 1.84
CA LYS B 22 8.26 3.86 1.55
C LYS B 22 7.23 4.31 0.51
N LYS B 23 6.40 3.37 0.07
CA LYS B 23 5.36 3.68 -0.92
C LYS B 23 4.52 4.87 -0.47
N ARG B 24 4.60 5.95 -1.23
CA ARG B 24 3.83 7.16 -0.92
C ARG B 24 2.36 6.98 -1.28
N LYS B 25 2.07 7.02 -2.57
CA LYS B 25 0.70 6.85 -3.05
C LYS B 25 0.67 6.58 -4.55
N SER B 26 0.93 7.63 -5.34
CA SER B 26 0.93 7.51 -6.80
C SER B 26 1.27 8.84 -7.45
N GLY B 27 0.31 9.77 -7.44
CA GLY B 27 0.53 11.07 -8.03
C GLY B 27 -0.25 11.26 -9.32
N ASN B 28 -0.50 10.15 -10.03
CA ASN B 28 -1.24 10.20 -11.28
C ASN B 28 -1.57 8.80 -11.77
N SER B 29 -2.39 8.71 -12.82
CA SER B 29 -2.78 7.43 -13.38
C SER B 29 -3.62 7.62 -14.65
N ARG B 30 -4.02 6.52 -15.25
CA ARG B 30 -4.81 6.56 -16.48
C ARG B 30 -6.25 6.10 -16.21
N GLU B 31 -6.40 4.83 -15.87
CA GLU B 31 -7.71 4.27 -15.59
C GLU B 31 -7.77 3.67 -14.19
N ARG B 32 -6.95 4.20 -13.29
CA ARG B 32 -6.89 3.72 -11.92
C ARG B 32 -7.67 4.64 -10.99
N CYS B 33 -7.91 4.17 -9.76
CA CYS B 33 -8.63 4.97 -8.79
C CYS B 33 -7.71 5.23 -7.59
N GLN B 34 -7.46 6.51 -7.36
CA GLN B 34 -6.60 6.93 -6.26
C GLN B 34 -7.42 7.27 -5.02
N LEU B 35 -8.55 6.59 -4.86
CA LEU B 35 -9.43 6.84 -3.73
C LEU B 35 -9.79 5.53 -3.03
N CYS B 36 -9.94 4.47 -3.82
CA CYS B 36 -10.28 3.17 -3.28
C CYS B 36 -9.33 2.13 -3.87
N ASN B 37 -8.25 2.63 -4.46
CA ASN B 37 -7.25 1.77 -5.08
C ASN B 37 -7.87 0.90 -6.17
N GLY B 38 -9.02 1.33 -6.67
CA GLY B 38 -9.70 0.58 -7.72
C GLY B 38 -8.88 0.50 -8.99
N MET B 39 -9.17 -0.51 -9.81
CA MET B 39 -8.46 -0.70 -11.07
C MET B 39 -9.43 -0.72 -12.25
N GLY B 40 -9.61 0.44 -12.86
CA GLY B 40 -10.51 0.54 -14.01
C GLY B 40 -11.19 1.89 -14.09
N HIS B 41 -11.89 2.28 -13.03
CA HIS B 41 -12.59 3.55 -12.99
C HIS B 41 -11.67 4.67 -12.49
N ASN B 42 -12.24 5.85 -12.28
CA ASN B 42 -11.46 6.99 -11.80
C ASN B 42 -12.03 7.51 -10.48
N ALA B 43 -11.18 8.15 -9.69
CA ALA B 43 -11.59 8.69 -8.40
C ALA B 43 -12.76 9.66 -8.56
N LYS B 44 -12.69 10.50 -9.59
CA LYS B 44 -13.75 11.46 -9.86
C LYS B 44 -15.09 10.76 -10.10
N GLN B 45 -15.01 9.48 -10.50
CA GLN B 45 -16.21 8.70 -10.76
C GLN B 45 -16.25 7.45 -9.89
N CYS B 46 -15.58 7.51 -8.75
CA CYS B 46 -15.55 6.37 -7.85
C CYS B 46 -16.86 6.35 -7.05
N ARG B 47 -17.60 5.26 -7.21
CA ARG B 47 -18.87 5.10 -6.52
C ARG B 47 -19.80 6.26 -6.83
N LYS B 48 -20.98 6.24 -6.19
CA LYS B 48 -21.97 7.29 -6.40
C LYS B 48 -22.39 7.38 -7.86
N ARG B 49 -22.85 6.25 -8.40
CA ARG B 49 -23.29 6.20 -9.79
C ARG B 49 -24.52 5.30 -9.95
N ASP B 50 -24.31 4.00 -9.76
CA ASP B 50 -25.39 3.03 -9.87
C ASP B 50 -25.39 2.07 -8.69
ZN ZN C . 11.22 -0.82 -1.28
ZN ZN D . -12.59 3.86 -6.77
N GLY B 1 17.01 -3.67 -15.71
CA GLY B 1 17.14 -5.12 -15.81
C GLY B 1 16.05 -5.84 -15.04
N ARG B 2 16.35 -7.06 -14.60
CA ARG B 2 15.39 -7.86 -13.86
C ARG B 2 15.03 -7.18 -12.53
N ALA B 3 15.99 -7.14 -11.62
CA ALA B 3 15.78 -6.52 -10.32
C ALA B 3 14.72 -7.28 -9.52
N ARG B 4 14.40 -8.48 -9.97
CA ARG B 4 13.40 -9.31 -9.29
C ARG B 4 13.89 -9.72 -7.91
N GLY B 5 13.59 -8.89 -6.91
CA GLY B 5 14.02 -9.19 -5.55
C GLY B 5 14.35 -7.94 -4.76
N LEU B 6 14.43 -6.81 -5.45
CA LEU B 6 14.74 -5.54 -4.81
C LEU B 6 13.58 -4.56 -4.94
N CYS B 7 13.04 -4.15 -3.79
CA CYS B 7 11.93 -3.21 -3.80
C CYS B 7 12.39 -1.91 -4.47
N TYR B 8 11.48 -1.32 -5.23
CA TYR B 8 11.76 -0.08 -5.94
C TYR B 8 11.00 1.08 -5.34
N THR B 9 10.89 1.10 -4.01
CA THR B 9 10.18 2.16 -3.30
C THR B 9 10.92 2.56 -2.04
N CYS B 10 11.32 1.57 -1.25
CA CYS B 10 12.03 1.85 -0.01
C CYS B 10 13.48 1.38 -0.18
N GLY B 11 13.63 0.25 -0.88
CA GLY B 11 14.95 -0.29 -1.12
C GLY B 11 15.20 -1.55 -0.30
N SER B 12 14.14 -2.30 -0.03
CA SER B 12 14.26 -3.53 0.77
C SER B 12 14.26 -4.75 -0.15
N PRO B 13 15.35 -5.51 -0.12
CA PRO B 13 15.51 -6.72 -0.93
C PRO B 13 14.60 -7.85 -0.47
N GLY B 14 13.46 -8.00 -1.14
CA GLY B 14 12.52 -9.05 -0.78
C GLY B 14 11.13 -8.80 -1.34
N HIS B 15 10.47 -7.76 -0.84
CA HIS B 15 9.14 -7.42 -1.30
C HIS B 15 9.20 -6.40 -2.45
N TYR B 16 8.04 -6.16 -3.06
CA TYR B 16 7.96 -5.22 -4.17
C TYR B 16 7.13 -3.99 -3.79
N GLN B 17 7.11 -3.00 -4.67
CA GLN B 17 6.36 -1.78 -4.43
C GLN B 17 4.93 -2.09 -4.00
N ALA B 18 4.32 -3.09 -4.64
CA ALA B 18 2.96 -3.49 -4.32
C ALA B 18 2.85 -3.95 -2.87
N GLN B 19 3.92 -4.51 -2.35
CA GLN B 19 3.94 -4.99 -0.96
C GLN B 19 4.84 -4.11 -0.10
N CYS B 20 5.14 -2.92 -0.59
CA CYS B 20 5.99 -1.99 0.14
C CYS B 20 5.17 -1.41 1.30
N PRO B 21 5.70 -1.57 2.52
CA PRO B 21 5.06 -1.07 3.73
C PRO B 21 5.07 0.44 3.82
N LYS B 22 5.85 1.07 2.96
CA LYS B 22 5.96 2.54 2.93
C LYS B 22 5.06 3.12 1.86
N LYS B 23 4.35 2.26 1.14
CA LYS B 23 3.44 2.69 0.08
C LYS B 23 2.00 2.61 0.54
N ARG B 24 1.07 2.98 -0.35
CA ARG B 24 -0.35 2.95 -0.04
C ARG B 24 -1.07 1.91 -0.88
N LYS B 25 -2.39 1.93 -0.85
CA LYS B 25 -3.21 1.00 -1.61
C LYS B 25 -4.04 1.72 -2.66
N SER B 26 -4.95 1.00 -3.29
CA SER B 26 -5.81 1.57 -4.32
C SER B 26 -6.83 0.55 -4.83
N GLY B 27 -7.53 0.90 -5.90
CA GLY B 27 -8.51 -0.01 -6.46
C GLY B 27 -9.46 0.69 -7.42
N ASN B 28 -10.64 0.12 -7.60
CA ASN B 28 -11.65 0.70 -8.49
C ASN B 28 -12.91 -0.16 -8.52
N SER B 29 -14.05 0.47 -8.23
CA SER B 29 -15.32 -0.22 -8.22
C SER B 29 -16.46 0.74 -7.88
N ARG B 30 -16.55 1.12 -6.62
CA ARG B 30 -17.60 2.04 -6.17
C ARG B 30 -17.34 2.49 -4.74
N GLU B 31 -17.57 3.77 -4.48
CA GLU B 31 -17.37 4.34 -3.14
C GLU B 31 -15.90 4.27 -2.75
N ARG B 32 -15.24 5.42 -2.74
CA ARG B 32 -13.83 5.50 -2.39
C ARG B 32 -13.66 5.80 -0.90
N CYS B 33 -12.43 5.67 -0.42
CA CYS B 33 -12.15 5.93 0.99
C CYS B 33 -11.11 7.05 1.07
N GLN B 34 -11.53 8.15 1.69
CA GLN B 34 -10.65 9.31 1.85
C GLN B 34 -9.95 9.28 3.20
N LEU B 35 -9.68 8.08 3.69
CA LEU B 35 -9.02 7.90 4.98
C LEU B 35 -7.82 6.96 4.86
N CYS B 36 -7.96 5.95 4.00
CA CYS B 36 -6.89 4.98 3.81
C CYS B 36 -6.69 4.80 2.30
N ASN B 37 -7.25 5.74 1.54
CA ASN B 37 -7.14 5.71 0.09
C ASN B 37 -7.75 4.43 -0.48
N GLY B 38 -8.60 3.79 0.31
CA GLY B 38 -9.24 2.55 -0.12
C GLY B 38 -10.12 2.76 -1.33
N MET B 39 -10.46 1.68 -2.02
CA MET B 39 -11.31 1.74 -3.20
C MET B 39 -12.43 0.70 -3.13
N GLY B 40 -13.56 1.09 -2.56
CA GLY B 40 -14.68 0.18 -2.44
C GLY B 40 -15.59 0.52 -1.28
N HIS B 41 -14.98 0.77 -0.12
CA HIS B 41 -15.74 1.10 1.08
C HIS B 41 -15.77 2.61 1.30
N ASN B 42 -16.34 3.03 2.43
CA ASN B 42 -16.43 4.45 2.75
C ASN B 42 -15.62 4.77 4.00
N ALA B 43 -15.13 6.01 4.08
CA ALA B 43 -14.34 6.45 5.21
C ALA B 43 -15.09 6.25 6.52
N LYS B 44 -16.40 6.54 6.50
CA LYS B 44 -17.23 6.39 7.68
C LYS B 44 -17.26 4.94 8.15
N GLN B 45 -16.99 4.02 7.23
CA GLN B 45 -16.99 2.60 7.53
C GLN B 45 -15.60 2.00 7.32
N CYS B 46 -14.58 2.85 7.36
CA CYS B 46 -13.22 2.39 7.17
C CYS B 46 -12.70 1.83 8.49
N ARG B 47 -12.69 0.50 8.57
CA ARG B 47 -12.22 -0.19 9.77
C ARG B 47 -12.98 0.30 11.01
N LYS B 48 -12.55 -0.15 12.18
CA LYS B 48 -13.18 0.24 13.43
C LYS B 48 -12.15 0.46 14.52
N ARG B 49 -12.57 1.04 15.63
CA ARG B 49 -11.67 1.31 16.75
C ARG B 49 -12.42 1.95 17.91
N ASP B 50 -12.65 1.19 18.97
CA ASP B 50 -13.35 1.70 20.14
C ASP B 50 -14.79 2.09 19.79
ZN ZN C . 9.52 -1.50 -0.15
ZN ZN D . -10.61 2.93 4.12
N GLY B 1 17.03 -4.02 -17.38
CA GLY B 1 16.73 -5.42 -17.69
C GLY B 1 15.91 -6.08 -16.60
N ARG B 2 16.46 -7.14 -16.01
CA ARG B 2 15.77 -7.87 -14.95
C ARG B 2 16.22 -7.38 -13.57
N ALA B 3 15.34 -7.53 -12.59
CA ALA B 3 15.65 -7.11 -11.23
C ALA B 3 14.70 -7.76 -10.23
N ARG B 4 14.16 -8.92 -10.59
CA ARG B 4 13.22 -9.63 -9.73
C ARG B 4 13.91 -10.07 -8.44
N GLY B 5 13.88 -9.20 -7.44
CA GLY B 5 14.50 -9.52 -6.16
C GLY B 5 14.98 -8.28 -5.43
N LEU B 6 15.05 -7.16 -6.15
CA LEU B 6 15.50 -5.90 -5.55
C LEU B 6 14.37 -4.87 -5.55
N CYS B 7 14.02 -4.38 -4.37
CA CYS B 7 12.97 -3.40 -4.25
C CYS B 7 13.41 -2.12 -4.98
N TYR B 8 12.46 -1.50 -5.66
CA TYR B 8 12.73 -0.27 -6.40
C TYR B 8 12.11 0.94 -5.71
N THR B 9 12.18 0.95 -4.39
CA THR B 9 11.62 2.05 -3.61
C THR B 9 12.53 2.41 -2.44
N CYS B 10 12.96 1.41 -1.69
CA CYS B 10 13.83 1.63 -0.55
C CYS B 10 15.22 1.07 -0.88
N GLY B 11 15.21 -0.05 -1.60
CA GLY B 11 16.45 -0.69 -1.99
C GLY B 11 16.73 -1.96 -1.19
N SER B 12 15.66 -2.63 -0.77
CA SER B 12 15.79 -3.86 0.01
C SER B 12 15.62 -5.09 -0.89
N PRO B 13 16.67 -5.91 -0.97
CA PRO B 13 16.66 -7.13 -1.79
C PRO B 13 15.74 -8.20 -1.21
N GLY B 14 14.51 -8.27 -1.73
CA GLY B 14 13.56 -9.25 -1.26
C GLY B 14 12.14 -8.92 -1.66
N HIS B 15 11.59 -7.85 -1.08
CA HIS B 15 10.23 -7.43 -1.39
C HIS B 15 10.21 -6.44 -2.56
N TYR B 16 9.02 -6.12 -3.05
CA TYR B 16 8.88 -5.18 -4.15
C TYR B 16 8.16 -3.91 -3.70
N GLN B 17 8.09 -2.93 -4.60
CA GLN B 17 7.43 -1.66 -4.29
C GLN B 17 6.02 -1.89 -3.76
N ALA B 18 5.31 -2.85 -4.36
CA ALA B 18 3.96 -3.17 -3.94
C ALA B 18 3.93 -3.65 -2.49
N GLN B 19 5.09 -4.07 -1.99
CA GLN B 19 5.19 -4.55 -0.62
C GLN B 19 6.24 -3.78 0.16
N CYS B 20 6.62 -2.62 -0.36
CA CYS B 20 7.61 -1.78 0.29
C CYS B 20 6.99 -1.19 1.56
N PRO B 21 7.65 -1.44 2.69
CA PRO B 21 7.20 -0.95 4.00
C PRO B 21 7.35 0.56 4.13
N LYS B 22 8.08 1.17 3.21
CA LYS B 22 8.29 2.61 3.22
C LYS B 22 7.32 3.31 2.28
N LYS B 23 6.45 2.53 1.65
CA LYS B 23 5.46 3.08 0.72
C LYS B 23 4.13 3.31 1.42
N ARG B 24 4.19 3.48 2.74
CA ARG B 24 2.98 3.71 3.54
C ARG B 24 2.78 5.21 3.78
N LYS B 25 1.64 5.56 4.37
CA LYS B 25 1.31 6.95 4.66
C LYS B 25 -0.02 7.07 5.37
N SER B 26 -0.32 8.25 5.87
CA SER B 26 -1.57 8.50 6.58
C SER B 26 -2.66 8.99 5.62
N GLY B 27 -2.47 10.22 5.13
CA GLY B 27 -3.44 10.78 4.21
C GLY B 27 -4.25 11.90 4.84
N ASN B 28 -4.70 12.84 4.02
CA ASN B 28 -5.49 13.97 4.49
C ASN B 28 -6.52 14.40 3.46
N SER B 29 -7.17 13.42 2.83
CA SER B 29 -8.18 13.69 1.82
C SER B 29 -9.52 14.00 2.46
N ARG B 30 -10.56 14.09 1.64
CA ARG B 30 -11.91 14.38 2.12
C ARG B 30 -12.89 13.30 1.67
N GLU B 31 -14.07 13.29 2.29
CA GLU B 31 -15.09 12.32 1.96
C GLU B 31 -14.61 10.90 2.23
N ARG B 32 -13.68 10.78 3.16
CA ARG B 32 -13.11 9.47 3.51
C ARG B 32 -13.72 8.96 4.82
N CYS B 33 -13.40 7.72 5.16
CA CYS B 33 -13.91 7.14 6.39
C CYS B 33 -12.72 6.67 7.23
N GLN B 34 -12.59 7.28 8.41
CA GLN B 34 -11.51 6.95 9.32
C GLN B 34 -11.96 5.91 10.35
N LEU B 35 -12.92 5.08 9.96
CA LEU B 35 -13.43 4.04 10.84
C LEU B 35 -13.34 2.66 10.18
N CYS B 36 -13.57 2.63 8.88
CA CYS B 36 -13.51 1.37 8.15
C CYS B 36 -12.61 1.58 6.93
N ASN B 37 -11.87 2.68 6.95
CA ASN B 37 -10.94 3.01 5.86
C ASN B 37 -11.70 3.15 4.55
N GLY B 38 -13.01 3.39 4.64
CA GLY B 38 -13.83 3.54 3.45
C GLY B 38 -13.47 4.78 2.66
N MET B 39 -13.81 4.78 1.38
CA MET B 39 -13.51 5.91 0.51
C MET B 39 -14.78 6.44 -0.16
N GLY B 40 -15.36 7.49 0.41
CA GLY B 40 -16.57 8.06 -0.14
C GLY B 40 -17.48 8.63 0.93
N HIS B 41 -17.88 7.78 1.88
CA HIS B 41 -18.76 8.21 2.96
C HIS B 41 -17.96 8.79 4.11
N ASN B 42 -18.64 9.09 5.22
CA ASN B 42 -17.98 9.65 6.39
C ASN B 42 -18.13 8.73 7.59
N ALA B 43 -17.17 8.78 8.49
CA ALA B 43 -17.19 7.94 9.70
C ALA B 43 -18.46 8.18 10.50
N LYS B 44 -18.91 9.43 10.55
CA LYS B 44 -20.11 9.79 11.29
C LYS B 44 -21.33 9.09 10.71
N GLN B 45 -21.24 8.67 9.45
CA GLN B 45 -22.33 7.98 8.79
C GLN B 45 -21.93 6.56 8.41
N CYS B 46 -20.85 6.07 9.00
CA CYS B 46 -20.37 4.73 8.73
C CYS B 46 -21.08 3.76 9.67
N ARG B 47 -21.47 2.62 9.12
CA ARG B 47 -22.16 1.59 9.89
C ARG B 47 -23.36 2.17 10.62
N LYS B 48 -24.48 2.25 9.92
CA LYS B 48 -25.71 2.78 10.49
C LYS B 48 -26.94 2.21 9.80
N ARG B 49 -27.06 2.49 8.51
CA ARG B 49 -28.20 2.00 7.72
C ARG B 49 -27.72 1.08 6.60
N ASP B 50 -26.80 0.18 6.92
CA ASP B 50 -26.26 -0.76 5.95
C ASP B 50 -25.33 -1.77 6.61
ZN ZN C . 11.11 -1.53 -0.38
ZN ZN D . -16.83 3.62 6.74
N GLY B 1 17.69 -9.64 -17.06
CA GLY B 1 18.17 -9.45 -15.71
C GLY B 1 17.17 -9.92 -14.67
N ARG B 2 15.98 -9.33 -14.69
CA ARG B 2 14.93 -9.69 -13.73
C ARG B 2 15.37 -9.37 -12.30
N ALA B 3 14.83 -8.28 -11.76
CA ALA B 3 15.16 -7.86 -10.40
C ALA B 3 14.13 -8.39 -9.40
N ARG B 4 13.44 -9.45 -9.78
CA ARG B 4 12.42 -10.05 -8.93
C ARG B 4 12.99 -10.33 -7.54
N GLY B 5 12.22 -9.98 -6.51
CA GLY B 5 12.66 -10.19 -5.14
C GLY B 5 13.26 -8.95 -4.53
N LEU B 6 13.72 -8.03 -5.38
CA LEU B 6 14.33 -6.80 -4.91
C LEU B 6 13.41 -5.60 -5.17
N CYS B 7 13.08 -4.87 -4.11
CA CYS B 7 12.21 -3.72 -4.25
C CYS B 7 12.99 -2.60 -4.93
N TYR B 8 12.28 -1.79 -5.69
CA TYR B 8 12.88 -0.68 -6.42
C TYR B 8 12.38 0.66 -5.88
N THR B 9 11.20 0.64 -5.26
CA THR B 9 10.61 1.85 -4.71
C THR B 9 11.43 2.38 -3.54
N CYS B 10 11.87 1.47 -2.67
CA CYS B 10 12.67 1.86 -1.52
C CYS B 10 14.08 1.32 -1.71
N GLY B 11 14.16 0.13 -2.29
CA GLY B 11 15.45 -0.49 -2.53
C GLY B 11 15.78 -1.55 -1.50
N SER B 12 14.76 -2.27 -1.04
CA SER B 12 14.95 -3.31 -0.03
C SER B 12 14.84 -4.70 -0.66
N PRO B 13 15.95 -5.45 -0.65
CA PRO B 13 16.00 -6.80 -1.21
C PRO B 13 15.18 -7.80 -0.38
N GLY B 14 13.95 -8.04 -0.80
CA GLY B 14 13.10 -8.98 -0.09
C GLY B 14 11.65 -8.87 -0.51
N HIS B 15 11.26 -7.70 -0.99
CA HIS B 15 9.88 -7.46 -1.42
C HIS B 15 9.85 -6.61 -2.69
N TYR B 16 8.64 -6.24 -3.11
CA TYR B 16 8.47 -5.43 -4.31
C TYR B 16 7.57 -4.23 -4.03
N GLN B 17 7.36 -3.40 -5.05
CA GLN B 17 6.52 -2.22 -4.91
C GLN B 17 5.15 -2.60 -4.34
N ALA B 18 4.58 -3.69 -4.83
CA ALA B 18 3.29 -4.15 -4.37
C ALA B 18 3.31 -4.43 -2.87
N GLN B 19 4.50 -4.72 -2.34
CA GLN B 19 4.65 -5.00 -0.91
C GLN B 19 5.65 -4.03 -0.28
N CYS B 20 5.76 -2.85 -0.85
CA CYS B 20 6.68 -1.86 -0.33
C CYS B 20 6.01 -1.15 0.86
N PRO B 21 6.70 -1.19 2.01
CA PRO B 21 6.21 -0.57 3.24
C PRO B 21 6.22 0.95 3.16
N LYS B 22 6.88 1.49 2.15
CA LYS B 22 6.98 2.93 1.96
C LYS B 22 5.96 3.41 0.93
N LYS B 23 5.19 2.48 0.39
CA LYS B 23 4.17 2.80 -0.60
C LYS B 23 2.88 3.28 0.06
N ARG B 24 2.62 4.58 -0.04
CA ARG B 24 1.43 5.17 0.55
C ARG B 24 1.11 6.53 -0.08
N LYS B 25 1.20 6.60 -1.40
CA LYS B 25 0.94 7.82 -2.13
C LYS B 25 0.77 7.56 -3.62
N SER B 26 -0.38 7.93 -4.16
CA SER B 26 -0.66 7.73 -5.57
C SER B 26 -2.00 8.35 -5.97
N GLY B 27 -2.24 8.47 -7.26
CA GLY B 27 -3.49 9.04 -7.74
C GLY B 27 -3.37 9.61 -9.13
N ASN B 28 -4.28 9.22 -10.02
CA ASN B 28 -4.28 9.69 -11.39
C ASN B 28 -5.51 9.20 -12.15
N SER B 29 -6.09 10.09 -12.96
CA SER B 29 -7.27 9.74 -13.73
C SER B 29 -6.91 8.91 -14.95
N ARG B 30 -7.74 7.92 -15.27
CA ARG B 30 -7.51 7.05 -16.42
C ARG B 30 -8.62 6.03 -16.56
N GLU B 31 -8.42 5.06 -17.45
CA GLU B 31 -9.41 4.01 -17.68
C GLU B 31 -9.73 3.28 -16.38
N ARG B 32 -8.80 3.30 -15.44
CA ARG B 32 -8.99 2.63 -14.16
C ARG B 32 -9.52 3.61 -13.11
N CYS B 33 -9.92 3.08 -11.97
CA CYS B 33 -10.45 3.90 -10.89
C CYS B 33 -9.58 3.69 -9.66
N GLN B 34 -8.94 4.79 -9.23
CA GLN B 34 -8.08 4.75 -8.06
C GLN B 34 -8.83 5.17 -6.80
N LEU B 35 -10.13 4.91 -6.79
CA LEU B 35 -10.97 5.26 -5.65
C LEU B 35 -11.76 4.05 -5.16
N CYS B 36 -12.17 3.20 -6.08
CA CYS B 36 -12.93 2.02 -5.73
C CYS B 36 -12.29 0.82 -6.43
N ASN B 37 -11.08 1.03 -6.92
CA ASN B 37 -10.34 -0.02 -7.62
C ASN B 37 -11.11 -0.50 -8.84
N GLY B 38 -12.04 0.32 -9.32
CA GLY B 38 -12.83 -0.04 -10.47
C GLY B 38 -11.99 -0.16 -11.74
N MET B 39 -12.53 -0.85 -12.74
CA MET B 39 -11.82 -1.04 -14.00
C MET B 39 -12.70 -0.64 -15.18
N GLY B 40 -12.53 0.59 -15.64
CA GLY B 40 -13.31 1.09 -16.76
C GLY B 40 -13.58 2.57 -16.67
N HIS B 41 -14.19 3.00 -15.58
CA HIS B 41 -14.50 4.40 -15.38
C HIS B 41 -13.33 5.14 -14.75
N ASN B 42 -13.55 6.41 -14.39
CA ASN B 42 -12.50 7.22 -13.79
C ASN B 42 -12.91 7.66 -12.38
N ALA B 43 -11.92 7.85 -11.52
CA ALA B 43 -12.16 8.28 -10.14
C ALA B 43 -12.94 9.58 -10.10
N LYS B 44 -12.64 10.47 -11.04
CA LYS B 44 -13.31 11.77 -11.11
C LYS B 44 -14.81 11.59 -11.37
N GLN B 45 -15.16 10.45 -11.93
CA GLN B 45 -16.56 10.15 -12.24
C GLN B 45 -17.06 8.96 -11.42
N CYS B 46 -16.32 8.62 -10.38
CA CYS B 46 -16.70 7.50 -9.53
C CYS B 46 -17.61 8.03 -8.42
N ARG B 47 -18.65 7.26 -8.13
CA ARG B 47 -19.62 7.62 -7.10
C ARG B 47 -20.27 8.97 -7.41
N LYS B 48 -20.89 9.06 -8.58
CA LYS B 48 -21.55 10.28 -8.99
C LYS B 48 -23.02 10.04 -9.32
N ARG B 49 -23.27 9.20 -10.32
CA ARG B 49 -24.62 8.87 -10.73
C ARG B 49 -24.74 7.41 -11.15
N ASP B 50 -25.83 6.76 -10.76
CA ASP B 50 -26.05 5.36 -11.09
C ASP B 50 -24.90 4.50 -10.59
ZN ZN C . 10.11 -1.49 -0.86
ZN ZN D . -14.70 3.80 -9.16
N GLY B 1 18.57 -5.15 -15.09
CA GLY B 1 17.73 -6.23 -15.57
C GLY B 1 16.50 -6.43 -14.72
N ARG B 2 16.26 -7.66 -14.30
CA ARG B 2 15.10 -7.98 -13.48
C ARG B 2 15.03 -7.06 -12.26
N ALA B 3 16.11 -7.03 -11.48
CA ALA B 3 16.16 -6.20 -10.28
C ALA B 3 15.12 -6.63 -9.26
N ARG B 4 14.58 -7.83 -9.44
CA ARG B 4 13.58 -8.36 -8.53
C ARG B 4 14.09 -8.37 -7.09
N GLY B 5 13.28 -7.83 -6.19
CA GLY B 5 13.67 -7.78 -4.79
C GLY B 5 14.25 -6.44 -4.40
N LEU B 6 14.76 -5.71 -5.39
CA LEU B 6 15.35 -4.40 -5.14
C LEU B 6 14.40 -3.27 -5.53
N CYS B 7 14.04 -2.45 -4.56
CA CYS B 7 13.13 -1.35 -4.81
C CYS B 7 13.84 -0.34 -5.72
N TYR B 8 13.05 0.37 -6.52
CA TYR B 8 13.58 1.37 -7.43
C TYR B 8 13.07 2.76 -7.06
N THR B 9 11.93 2.82 -6.38
CA THR B 9 11.34 4.08 -5.96
C THR B 9 12.23 4.80 -4.95
N CYS B 10 12.75 4.04 -3.98
CA CYS B 10 13.60 4.61 -2.96
C CYS B 10 15.02 4.08 -3.17
N GLY B 11 15.09 2.80 -3.54
CA GLY B 11 16.38 2.17 -3.77
C GLY B 11 16.79 1.27 -2.62
N SER B 12 15.81 0.62 -1.99
CA SER B 12 16.08 -0.26 -0.86
C SER B 12 16.09 -1.72 -1.31
N PRO B 13 17.26 -2.39 -1.15
CA PRO B 13 17.43 -3.79 -1.52
C PRO B 13 16.64 -4.74 -0.62
N GLY B 14 15.41 -5.04 -1.01
CA GLY B 14 14.57 -5.92 -0.22
C GLY B 14 13.13 -5.92 -0.67
N HIS B 15 12.47 -4.77 -0.55
CA HIS B 15 11.08 -4.63 -0.94
C HIS B 15 10.96 -4.04 -2.34
N TYR B 16 9.74 -3.77 -2.77
CA TYR B 16 9.50 -3.21 -4.09
C TYR B 16 8.57 -2.00 -4.01
N GLN B 17 8.35 -1.35 -5.15
CA GLN B 17 7.49 -0.18 -5.21
C GLN B 17 6.14 -0.45 -4.55
N ALA B 18 5.58 -1.62 -4.82
CA ALA B 18 4.30 -2.02 -4.26
C ALA B 18 4.35 -2.02 -2.74
N GLN B 19 5.55 -2.16 -2.19
CA GLN B 19 5.73 -2.18 -0.74
C GLN B 19 6.71 -1.11 -0.30
N CYS B 20 6.83 -0.05 -1.10
CA CYS B 20 7.73 1.04 -0.78
C CYS B 20 7.05 1.95 0.24
N PRO B 21 7.75 2.14 1.38
CA PRO B 21 7.25 2.98 2.47
C PRO B 21 7.23 4.47 2.11
N LYS B 22 7.88 4.80 1.00
CA LYS B 22 7.95 6.17 0.54
C LYS B 22 6.91 6.45 -0.55
N LYS B 23 6.15 5.41 -0.89
CA LYS B 23 5.11 5.52 -1.92
C LYS B 23 3.81 6.04 -1.32
N ARG B 24 3.61 5.79 -0.03
CA ARG B 24 2.41 6.23 0.66
C ARG B 24 2.57 6.13 2.17
N LYS B 25 2.05 7.11 2.89
CA LYS B 25 2.14 7.13 4.35
C LYS B 25 0.75 7.14 4.98
N SER B 26 0.72 7.30 6.30
CA SER B 26 -0.56 7.33 7.02
C SER B 26 -0.32 7.56 8.51
N GLY B 27 -1.37 7.98 9.21
CA GLY B 27 -1.26 8.23 10.63
C GLY B 27 -2.07 7.25 11.46
N ASN B 28 -2.84 7.78 12.41
CA ASN B 28 -3.67 6.94 13.27
C ASN B 28 -5.11 7.44 13.29
N SER B 29 -6.06 6.52 13.15
CA SER B 29 -7.47 6.86 13.16
C SER B 29 -7.99 7.04 14.57
N ARG B 30 -9.30 7.19 14.71
CA ARG B 30 -9.92 7.38 16.02
C ARG B 30 -10.76 6.15 16.39
N GLU B 31 -11.53 5.66 15.43
CA GLU B 31 -12.38 4.49 15.66
C GLU B 31 -11.91 3.31 14.83
N ARG B 32 -10.91 2.60 15.32
CA ARG B 32 -10.36 1.44 14.62
C ARG B 32 -10.79 0.14 15.31
N CYS B 33 -10.46 -0.98 14.69
CA CYS B 33 -10.81 -2.28 15.26
C CYS B 33 -9.53 -3.10 15.41
N GLN B 34 -9.23 -3.43 16.67
CA GLN B 34 -8.05 -4.20 16.99
C GLN B 34 -8.38 -5.69 17.09
N LEU B 35 -9.39 -6.11 16.35
CA LEU B 35 -9.82 -7.51 16.36
C LEU B 35 -9.86 -8.09 14.95
N CYS B 36 -10.25 -7.25 14.00
CA CYS B 36 -10.32 -7.68 12.62
C CYS B 36 -9.60 -6.64 11.75
N ASN B 37 -8.82 -5.80 12.42
CA ASN B 37 -8.07 -4.75 11.74
C ASN B 37 -9.00 -3.82 10.96
N GLY B 38 -10.27 -3.81 11.35
CA GLY B 38 -11.24 -2.96 10.67
C GLY B 38 -10.97 -1.49 10.89
N MET B 39 -11.50 -0.66 10.01
CA MET B 39 -11.32 0.80 10.11
C MET B 39 -12.66 1.51 10.11
N GLY B 40 -13.11 1.91 11.29
CA GLY B 40 -14.38 2.61 11.41
C GLY B 40 -15.13 2.24 12.67
N HIS B 41 -15.34 0.95 12.89
CA HIS B 41 -16.05 0.47 14.07
C HIS B 41 -15.08 0.17 15.20
N ASN B 42 -15.60 -0.40 16.29
CA ASN B 42 -14.77 -0.72 17.45
C ASN B 42 -14.78 -2.23 17.71
N ALA B 43 -13.70 -2.73 18.29
CA ALA B 43 -13.59 -4.15 18.61
C ALA B 43 -14.73 -4.60 19.50
N LYS B 44 -15.13 -3.74 20.43
CA LYS B 44 -16.21 -4.06 21.35
C LYS B 44 -17.53 -4.29 20.59
N GLN B 45 -17.61 -3.75 19.39
CA GLN B 45 -18.80 -3.89 18.57
C GLN B 45 -18.48 -4.67 17.29
N CYS B 46 -17.35 -5.34 17.27
CA CYS B 46 -16.95 -6.13 16.12
C CYS B 46 -17.52 -7.53 16.26
N ARG B 47 -18.00 -8.06 15.13
CA ARG B 47 -18.58 -9.40 15.11
C ARG B 47 -19.69 -9.53 16.15
N LYS B 48 -20.68 -8.63 16.06
CA LYS B 48 -21.80 -8.65 17.00
C LYS B 48 -22.95 -7.79 16.49
N ARG B 49 -22.63 -6.56 16.09
CA ARG B 49 -23.62 -5.63 15.57
C ARG B 49 -24.72 -5.39 16.61
N ASP B 50 -24.42 -4.50 17.56
CA ASP B 50 -25.38 -4.17 18.61
C ASP B 50 -25.79 -5.42 19.39
ZN ZN C . 11.20 1.36 -1.71
ZN ZN D . -13.76 -5.33 13.49
N GLY B 1 16.77 -6.01 -17.74
CA GLY B 1 17.53 -6.09 -16.51
C GLY B 1 16.64 -6.23 -15.29
N ARG B 2 16.47 -7.47 -14.82
CA ARG B 2 15.64 -7.75 -13.66
C ARG B 2 16.07 -6.90 -12.48
N ALA B 3 15.09 -6.42 -11.71
CA ALA B 3 15.37 -5.59 -10.54
C ALA B 3 14.66 -6.14 -9.30
N ARG B 4 13.96 -7.25 -9.48
CA ARG B 4 13.22 -7.87 -8.37
C ARG B 4 14.10 -7.96 -7.13
N GLY B 5 13.60 -7.43 -6.01
CA GLY B 5 14.35 -7.48 -4.77
C GLY B 5 14.69 -6.09 -4.26
N LEU B 6 14.90 -5.16 -5.19
CA LEU B 6 15.24 -3.79 -4.82
C LEU B 6 14.10 -2.83 -5.17
N CYS B 7 13.62 -2.09 -4.18
CA CYS B 7 12.55 -1.15 -4.40
C CYS B 7 13.10 0.02 -5.22
N TYR B 8 12.21 0.63 -6.00
CA TYR B 8 12.59 1.76 -6.84
C TYR B 8 11.84 3.02 -6.43
N THR B 9 10.69 2.84 -5.79
CA THR B 9 9.87 3.95 -5.33
C THR B 9 10.59 4.75 -4.26
N CYS B 10 11.22 4.06 -3.32
CA CYS B 10 11.95 4.71 -2.25
C CYS B 10 13.44 4.42 -2.42
N GLY B 11 13.72 3.18 -2.83
CA GLY B 11 15.10 2.77 -3.04
C GLY B 11 15.61 1.90 -1.91
N SER B 12 14.74 1.08 -1.35
CA SER B 12 15.11 0.20 -0.25
C SER B 12 15.34 -1.23 -0.75
N PRO B 13 16.57 -1.73 -0.55
CA PRO B 13 16.95 -3.08 -0.98
C PRO B 13 16.28 -4.16 -0.15
N GLY B 14 15.16 -4.68 -0.67
CA GLY B 14 14.43 -5.72 0.03
C GLY B 14 13.02 -5.89 -0.48
N HIS B 15 12.20 -4.86 -0.29
CA HIS B 15 10.82 -4.89 -0.74
C HIS B 15 10.67 -4.25 -2.11
N TYR B 16 9.43 -4.10 -2.57
CA TYR B 16 9.15 -3.50 -3.86
C TYR B 16 8.03 -2.47 -3.76
N GLN B 17 7.72 -1.83 -4.89
CA GLN B 17 6.67 -0.82 -4.93
C GLN B 17 5.39 -1.34 -4.29
N ALA B 18 5.04 -2.59 -4.60
CA ALA B 18 3.84 -3.21 -4.07
C ALA B 18 3.86 -3.21 -2.54
N GLN B 19 5.07 -3.28 -1.97
CA GLN B 19 5.23 -3.29 -0.52
C GLN B 19 6.02 -2.08 -0.05
N CYS B 20 5.94 -1.00 -0.81
CA CYS B 20 6.66 0.21 -0.46
C CYS B 20 5.81 1.00 0.55
N PRO B 21 6.43 1.30 1.70
CA PRO B 21 5.78 2.05 2.78
C PRO B 21 5.56 3.51 2.41
N LYS B 22 6.19 3.95 1.33
CA LYS B 22 6.06 5.33 0.87
C LYS B 22 5.04 5.43 -0.26
N LYS B 23 4.44 4.30 -0.61
CA LYS B 23 3.44 4.27 -1.68
C LYS B 23 2.35 5.30 -1.43
N ARG B 24 1.51 5.52 -2.43
CA ARG B 24 0.43 6.49 -2.32
C ARG B 24 -0.52 6.38 -3.52
N LYS B 25 -1.69 6.99 -3.39
CA LYS B 25 -2.69 6.97 -4.46
C LYS B 25 -3.68 8.11 -4.31
N SER B 26 -4.75 8.07 -5.10
CA SER B 26 -5.77 9.11 -5.05
C SER B 26 -7.15 8.50 -4.80
N GLY B 27 -7.71 7.87 -5.82
CA GLY B 27 -9.02 7.26 -5.69
C GLY B 27 -9.96 7.65 -6.82
N ASN B 28 -11.25 7.41 -6.62
CA ASN B 28 -12.26 7.74 -7.62
C ASN B 28 -13.53 8.25 -6.97
N SER B 29 -14.02 7.51 -5.97
CA SER B 29 -15.24 7.89 -5.27
C SER B 29 -16.43 7.89 -6.20
N ARG B 30 -17.29 6.88 -6.08
CA ARG B 30 -18.46 6.76 -6.93
C ARG B 30 -19.54 5.92 -6.24
N GLU B 31 -20.77 6.01 -6.74
CA GLU B 31 -21.87 5.25 -6.18
C GLU B 31 -21.55 3.76 -6.12
N ARG B 32 -20.70 3.31 -7.05
CA ARG B 32 -20.31 1.91 -7.10
C ARG B 32 -18.95 1.70 -6.46
N CYS B 33 -18.59 0.44 -6.24
CA CYS B 33 -17.31 0.12 -5.64
C CYS B 33 -16.49 -0.72 -6.63
N GLN B 34 -15.36 -0.17 -7.03
CA GLN B 34 -14.48 -0.84 -7.98
C GLN B 34 -13.38 -1.61 -7.25
N LEU B 35 -13.72 -2.11 -6.06
CA LEU B 35 -12.77 -2.88 -5.26
C LEU B 35 -13.37 -4.19 -4.80
N CYS B 36 -14.67 -4.18 -4.51
CA CYS B 36 -15.35 -5.37 -4.06
C CYS B 36 -16.64 -5.52 -4.89
N ASN B 37 -16.70 -4.77 -5.98
CA ASN B 37 -17.85 -4.79 -6.87
C ASN B 37 -19.13 -4.41 -6.13
N GLY B 38 -18.96 -3.72 -5.00
CA GLY B 38 -20.10 -3.30 -4.21
C GLY B 38 -20.98 -2.32 -4.95
N MET B 39 -22.24 -2.20 -4.50
CA MET B 39 -23.19 -1.30 -5.13
C MET B 39 -23.78 -0.34 -4.11
N GLY B 40 -23.19 0.86 -4.02
CA GLY B 40 -23.67 1.85 -3.08
C GLY B 40 -22.56 2.72 -2.54
N HIS B 41 -21.56 2.10 -1.91
CA HIS B 41 -20.43 2.82 -1.34
C HIS B 41 -19.36 3.04 -2.40
N ASN B 42 -18.21 3.56 -1.96
CA ASN B 42 -17.09 3.83 -2.86
C ASN B 42 -15.85 3.07 -2.42
N ALA B 43 -14.98 2.77 -3.38
CA ALA B 43 -13.74 2.04 -3.10
C ALA B 43 -12.93 2.74 -2.01
N LYS B 44 -12.83 4.06 -2.12
CA LYS B 44 -12.08 4.84 -1.15
C LYS B 44 -12.63 4.64 0.26
N GLN B 45 -13.90 4.25 0.34
CA GLN B 45 -14.54 4.01 1.62
C GLN B 45 -14.93 2.54 1.78
N CYS B 46 -14.31 1.69 0.99
CA CYS B 46 -14.60 0.27 1.05
C CYS B 46 -13.71 -0.36 2.12
N ARG B 47 -14.35 -1.05 3.06
CA ARG B 47 -13.65 -1.70 4.16
C ARG B 47 -13.21 -3.11 3.75
N LYS B 48 -11.99 -3.47 4.15
CA LYS B 48 -11.45 -4.79 3.83
C LYS B 48 -12.14 -5.88 4.65
N ARG B 49 -11.74 -7.13 4.43
CA ARG B 49 -12.33 -8.25 5.14
C ARG B 49 -11.76 -8.36 6.56
N ASP B 50 -12.37 -7.62 7.48
CA ASP B 50 -11.92 -7.63 8.87
C ASP B 50 -13.04 -8.10 9.80
ZN ZN C . 10.06 1.08 -1.25
ZN ZN D . -16.61 -2.10 -1.68
N GLY B 1 17.15 -7.74 -19.04
CA GLY B 1 17.35 -6.88 -17.90
C GLY B 1 16.43 -7.23 -16.74
N ARG B 2 16.98 -7.91 -15.74
CA ARG B 2 16.20 -8.30 -14.57
C ARG B 2 16.74 -7.66 -13.31
N ALA B 3 15.87 -7.43 -12.33
CA ALA B 3 16.27 -6.83 -11.07
C ALA B 3 15.37 -7.29 -9.92
N ARG B 4 14.71 -8.43 -10.12
CA ARG B 4 13.81 -8.98 -9.11
C ARG B 4 14.53 -9.09 -7.76
N GLY B 5 13.85 -8.64 -6.71
CA GLY B 5 14.43 -8.70 -5.38
C GLY B 5 15.10 -7.40 -4.98
N LEU B 6 15.48 -6.60 -5.97
CA LEU B 6 16.14 -5.32 -5.72
C LEU B 6 15.18 -4.16 -5.94
N CYS B 7 15.00 -3.35 -4.90
CA CYS B 7 14.10 -2.21 -5.01
C CYS B 7 14.76 -1.16 -5.90
N TYR B 8 13.92 -0.39 -6.59
CA TYR B 8 14.41 0.66 -7.48
C TYR B 8 13.98 2.04 -6.97
N THR B 9 12.91 2.06 -6.18
CA THR B 9 12.40 3.31 -5.63
C THR B 9 13.39 3.93 -4.65
N CYS B 10 13.96 3.10 -3.80
CA CYS B 10 14.93 3.57 -2.82
C CYS B 10 16.30 3.02 -3.18
N GLY B 11 16.30 1.77 -3.64
CA GLY B 11 17.53 1.11 -4.01
C GLY B 11 18.02 0.12 -2.97
N SER B 12 17.07 -0.54 -2.30
CA SER B 12 17.42 -1.50 -1.27
C SER B 12 17.28 -2.93 -1.79
N PRO B 13 18.42 -3.64 -1.86
CA PRO B 13 18.47 -5.03 -2.34
C PRO B 13 17.80 -6.00 -1.38
N GLY B 14 16.51 -6.23 -1.57
CA GLY B 14 15.77 -7.14 -0.72
C GLY B 14 14.27 -7.09 -0.96
N HIS B 15 13.75 -5.88 -1.11
CA HIS B 15 12.33 -5.69 -1.34
C HIS B 15 12.08 -4.95 -2.66
N TYR B 16 10.81 -4.66 -2.94
CA TYR B 16 10.45 -3.97 -4.18
C TYR B 16 9.57 -2.77 -3.88
N GLN B 17 9.24 -2.01 -4.92
CA GLN B 17 8.40 -0.82 -4.77
C GLN B 17 7.11 -1.16 -4.04
N ALA B 18 6.54 -2.32 -4.35
CA ALA B 18 5.31 -2.77 -3.72
C ALA B 18 5.47 -2.90 -2.22
N GLN B 19 6.72 -2.98 -1.77
CA GLN B 19 7.01 -3.12 -0.35
C GLN B 19 8.06 -2.10 0.09
N CYS B 20 8.16 -1.01 -0.65
CA CYS B 20 9.13 0.02 -0.34
C CYS B 20 8.58 0.86 0.82
N PRO B 21 9.38 0.94 1.89
CA PRO B 21 9.02 1.69 3.09
C PRO B 21 9.02 3.21 2.85
N LYS B 22 9.56 3.62 1.72
CA LYS B 22 9.63 5.03 1.37
C LYS B 22 8.50 5.41 0.41
N LYS B 23 7.67 4.43 0.07
CA LYS B 23 6.55 4.65 -0.83
C LYS B 23 5.33 5.14 -0.07
N ARG B 24 5.25 4.80 1.21
CA ARG B 24 4.13 5.20 2.06
C ARG B 24 4.62 5.61 3.45
N LYS B 25 3.94 6.59 4.03
CA LYS B 25 4.31 7.07 5.36
C LYS B 25 3.10 7.71 6.05
N SER B 26 3.21 7.89 7.37
CA SER B 26 2.13 8.47 8.15
C SER B 26 2.63 8.94 9.50
N GLY B 27 3.28 10.10 9.53
CA GLY B 27 3.80 10.64 10.77
C GLY B 27 3.07 11.89 11.22
N ASN B 28 1.74 11.80 11.31
CA ASN B 28 0.93 12.94 11.73
C ASN B 28 -0.55 12.56 11.77
N SER B 29 -1.26 13.06 12.77
CA SER B 29 -2.67 12.78 12.93
C SER B 29 -3.53 13.89 12.33
N ARG B 30 -4.27 13.55 11.29
CA ARG B 30 -5.13 14.52 10.62
C ARG B 30 -6.48 13.89 10.26
N GLU B 31 -7.20 13.43 11.28
CA GLU B 31 -8.50 12.82 11.07
C GLU B 31 -8.40 11.64 10.10
N ARG B 32 -7.22 11.02 10.06
CA ARG B 32 -6.99 9.88 9.17
C ARG B 32 -7.03 8.58 9.96
N CYS B 33 -6.98 7.47 9.23
CA CYS B 33 -7.02 6.16 9.87
C CYS B 33 -5.77 5.38 9.43
N GLN B 34 -4.94 5.06 10.41
CA GLN B 34 -3.70 4.32 10.15
C GLN B 34 -3.91 2.83 10.38
N LEU B 35 -5.14 2.36 10.16
CA LEU B 35 -5.47 0.95 10.34
C LEU B 35 -6.11 0.39 9.08
N CYS B 36 -6.93 1.20 8.42
CA CYS B 36 -7.60 0.77 7.20
C CYS B 36 -7.35 1.83 6.12
N ASN B 37 -6.39 2.70 6.40
CA ASN B 37 -6.04 3.77 5.46
C ASN B 37 -7.24 4.67 5.19
N GLY B 38 -8.21 4.65 6.10
CA GLY B 38 -9.40 5.47 5.95
C GLY B 38 -9.09 6.95 6.03
N MET B 39 -9.97 7.77 5.47
CA MET B 39 -9.79 9.22 5.48
C MET B 39 -11.00 9.90 6.10
N GLY B 40 -10.88 10.26 7.38
CA GLY B 40 -11.98 10.92 8.07
C GLY B 40 -12.07 10.53 9.54
N HIS B 41 -12.20 9.24 9.80
CA HIS B 41 -12.29 8.74 11.16
C HIS B 41 -10.91 8.47 11.74
N ASN B 42 -10.87 7.88 12.93
CA ASN B 42 -9.60 7.58 13.59
C ASN B 42 -9.45 6.07 13.83
N ALA B 43 -8.22 5.60 13.86
CA ALA B 43 -7.95 4.19 14.07
C ALA B 43 -8.56 3.71 15.39
N LYS B 44 -8.52 4.56 16.40
CA LYS B 44 -9.07 4.21 17.70
C LYS B 44 -10.57 3.95 17.61
N GLN B 45 -11.20 4.50 16.57
CA GLN B 45 -12.63 4.32 16.37
C GLN B 45 -12.91 3.58 15.06
N CYS B 46 -11.87 2.92 14.53
CA CYS B 46 -12.03 2.18 13.30
C CYS B 46 -12.51 0.77 13.64
N ARG B 47 -13.45 0.29 12.83
CA ARG B 47 -14.02 -1.03 13.03
C ARG B 47 -14.57 -1.20 14.45
N LYS B 48 -14.97 -0.08 15.04
CA LYS B 48 -15.52 -0.08 16.39
C LYS B 48 -16.76 0.79 16.49
N ARG B 49 -17.61 0.50 17.46
CA ARG B 49 -18.84 1.27 17.66
C ARG B 49 -18.78 2.08 18.95
N ASP B 50 -18.49 1.38 20.06
CA ASP B 50 -18.41 2.04 21.36
C ASP B 50 -17.13 1.62 22.09
ZN ZN C . 12.50 0.34 -1.57
ZN ZN D . -10.34 3.02 9.56
N GLY B 1 18.94 -9.57 -15.19
CA GLY B 1 17.99 -8.87 -16.04
C GLY B 1 16.57 -8.94 -15.52
N ARG B 2 16.36 -8.40 -14.32
CA ARG B 2 15.04 -8.41 -13.71
C ARG B 2 15.03 -7.56 -12.44
N ALA B 3 16.11 -7.61 -11.68
CA ALA B 3 16.23 -6.86 -10.44
C ALA B 3 15.18 -7.30 -9.43
N ARG B 4 14.59 -8.46 -9.66
CA ARG B 4 13.56 -8.99 -8.77
C ARG B 4 14.09 -9.09 -7.35
N GLY B 5 13.31 -8.59 -6.39
CA GLY B 5 13.72 -8.62 -5.00
C GLY B 5 14.37 -7.34 -4.55
N LEU B 6 14.90 -6.57 -5.50
CA LEU B 6 15.56 -5.31 -5.20
C LEU B 6 14.64 -4.14 -5.51
N CYS B 7 14.32 -3.35 -4.48
CA CYS B 7 13.45 -2.20 -4.66
C CYS B 7 14.19 -1.17 -5.52
N TYR B 8 13.42 -0.40 -6.27
CA TYR B 8 13.97 0.62 -7.15
C TYR B 8 13.54 2.02 -6.69
N THR B 9 12.42 2.08 -5.97
CA THR B 9 11.91 3.35 -5.49
C THR B 9 12.84 3.98 -4.46
N CYS B 10 13.34 3.14 -3.55
CA CYS B 10 14.25 3.62 -2.52
C CYS B 10 15.64 3.03 -2.79
N GLY B 11 15.64 1.78 -3.23
CA GLY B 11 16.89 1.09 -3.53
C GLY B 11 17.28 0.13 -2.44
N SER B 12 16.30 -0.52 -1.82
CA SER B 12 16.55 -1.47 -0.75
C SER B 12 16.49 -2.90 -1.27
N PRO B 13 17.62 -3.62 -1.17
CA PRO B 13 17.71 -5.01 -1.61
C PRO B 13 16.91 -5.97 -0.74
N GLY B 14 15.66 -6.19 -1.11
CA GLY B 14 14.80 -7.08 -0.35
C GLY B 14 13.35 -6.99 -0.77
N HIS B 15 12.75 -5.82 -0.56
CA HIS B 15 11.36 -5.60 -0.92
C HIS B 15 11.24 -4.94 -2.29
N TYR B 16 10.01 -4.59 -2.67
CA TYR B 16 9.77 -3.95 -3.95
C TYR B 16 8.90 -2.70 -3.79
N GLN B 17 8.70 -1.98 -4.89
CA GLN B 17 7.89 -0.77 -4.87
C GLN B 17 6.54 -1.02 -4.21
N ALA B 18 5.91 -2.14 -4.57
CA ALA B 18 4.61 -2.50 -4.00
C ALA B 18 4.68 -2.60 -2.47
N GLN B 19 5.88 -2.82 -1.95
CA GLN B 19 6.08 -2.93 -0.52
C GLN B 19 7.16 -1.96 -0.03
N CYS B 20 7.30 -0.85 -0.74
CA CYS B 20 8.29 0.14 -0.37
C CYS B 20 7.73 0.98 0.78
N PRO B 21 8.46 0.96 1.90
CA PRO B 21 8.09 1.70 3.11
C PRO B 21 8.22 3.21 2.94
N LYS B 22 8.91 3.62 1.87
CA LYS B 22 9.11 5.04 1.59
C LYS B 22 8.09 5.53 0.57
N LYS B 23 7.21 4.64 0.13
CA LYS B 23 6.18 4.99 -0.84
C LYS B 23 5.06 5.78 -0.18
N ARG B 24 5.07 7.09 -0.38
CA ARG B 24 4.05 7.96 0.19
C ARG B 24 4.04 7.85 1.72
N LYS B 25 4.95 8.57 2.36
CA LYS B 25 5.04 8.56 3.82
C LYS B 25 6.12 9.52 4.30
N SER B 26 5.71 10.56 5.02
CA SER B 26 6.64 11.55 5.54
C SER B 26 6.28 11.95 6.96
N GLY B 27 5.08 12.48 7.14
CA GLY B 27 4.62 12.90 8.45
C GLY B 27 4.64 14.40 8.62
N ASN B 28 3.47 14.99 8.85
CA ASN B 28 3.36 16.42 9.03
C ASN B 28 2.24 16.77 10.01
N SER B 29 1.10 16.10 9.85
CA SER B 29 -0.05 16.33 10.72
C SER B 29 -0.34 15.10 11.57
N ARG B 30 -1.34 15.23 12.44
CA ARG B 30 -1.73 14.12 13.31
C ARG B 30 -3.18 13.71 13.08
N GLU B 31 -3.58 13.70 11.80
CA GLU B 31 -4.95 13.34 11.44
C GLU B 31 -4.96 12.07 10.59
N ARG B 32 -3.94 11.24 10.76
CA ARG B 32 -3.83 9.99 10.01
C ARG B 32 -4.23 8.79 10.87
N CYS B 33 -4.31 7.63 10.25
CA CYS B 33 -4.69 6.42 10.98
C CYS B 33 -3.57 5.38 10.77
N GLN B 34 -2.95 5.02 11.89
CA GLN B 34 -1.88 4.03 11.87
C GLN B 34 -2.40 2.63 12.17
N LEU B 35 -3.67 2.40 11.83
CA LEU B 35 -4.29 1.10 12.07
C LEU B 35 -4.88 0.55 10.77
N CYS B 36 -5.42 1.42 9.94
CA CYS B 36 -6.00 1.00 8.68
C CYS B 36 -5.42 1.87 7.56
N ASN B 37 -4.34 2.57 7.90
CA ASN B 37 -3.67 3.44 6.95
C ASN B 37 -4.61 4.52 6.44
N GLY B 38 -5.68 4.78 7.21
CA GLY B 38 -6.63 5.79 6.82
C GLY B 38 -6.05 7.19 6.84
N MET B 39 -6.66 8.11 6.08
CA MET B 39 -6.20 9.48 6.01
C MET B 39 -7.31 10.45 6.39
N GLY B 40 -7.29 10.91 7.64
CA GLY B 40 -8.31 11.84 8.11
C GLY B 40 -8.65 11.63 9.57
N HIS B 41 -9.07 10.42 9.91
CA HIS B 41 -9.44 10.09 11.28
C HIS B 41 -8.23 9.63 12.08
N ASN B 42 -8.45 9.18 13.31
CA ASN B 42 -7.38 8.71 14.17
C ASN B 42 -7.57 7.24 14.52
N ALA B 43 -6.46 6.54 14.78
CA ALA B 43 -6.51 5.14 15.15
C ALA B 43 -7.36 4.91 16.39
N LYS B 44 -7.31 5.87 17.31
CA LYS B 44 -8.07 5.78 18.55
C LYS B 44 -9.57 5.75 18.26
N GLN B 45 -9.95 6.26 17.10
CA GLN B 45 -11.35 6.29 16.70
C GLN B 45 -11.60 5.42 15.48
N CYS B 46 -10.64 4.55 15.17
CA CYS B 46 -10.76 3.68 14.02
C CYS B 46 -11.40 2.37 14.48
N ARG B 47 -12.32 1.88 13.66
CA ARG B 47 -13.02 0.63 13.96
C ARG B 47 -13.69 0.71 15.33
N LYS B 48 -14.13 1.90 15.71
CA LYS B 48 -14.78 2.10 17.00
C LYS B 48 -15.97 3.05 16.86
N ARG B 49 -15.76 4.16 16.16
CA ARG B 49 -16.81 5.15 15.96
C ARG B 49 -17.26 5.74 17.28
N ASP B 50 -16.35 5.77 18.26
CA ASP B 50 -16.67 6.30 19.58
C ASP B 50 -15.40 6.38 20.44
ZN ZN C . 11.71 0.42 -1.38
ZN ZN D . -8.52 3.96 10.43
#